data_2XOT
#
_entry.id   2XOT
#
_cell.length_a   61.440
_cell.length_b   74.630
_cell.length_c   87.270
_cell.angle_alpha   90.00
_cell.angle_beta   98.66
_cell.angle_gamma   90.00
#
_symmetry.space_group_name_H-M   'P 1 21 1'
#
loop_
_entity.id
_entity.type
_entity.pdbx_description
1 polymer 'Amphoterin-induced protein 1'
2 branched beta-D-mannopyranose-(1-4)-2-acetamido-2-deoxy-beta-D-glucopyranose-(1-4)-2-acetamido-2-deoxy-beta-D-glucopyranose
3 water water
#
_entity_poly.entity_id   1
_entity_poly.type   'polypeptide(L)'
_entity_poly.pdbx_seq_one_letter_code
;DKLASGRSVVSCPANCLCASNILSCSKQQLPNVPQSLPSYTALLDLSHNNLSRLRAEWTPTRLTNLHSLLLSHNHLNFIS
SEAFVPVPNLRYLDLSSNHLHTLDEFLFSDLQALEVLLLYNNHIVVVDRNAFEDMAQLQKLYLSQNQISRFPVELIKDGN
KLPKLMLLDLSSNKLKKLPLTDLQKLPAWVKNGLYLHNNPLECDCKLYQLFSHWQYRQLSSVMDFQEDLYCMHSKKLHNI
FSLDFFNCSEYKESAWEAHLGDTLTIRCDTKQQGMTKVWVSPSNEQVLSQGSNGSVSVRNGDLFFKKVQVEDGGVYTCYA
MGETFNETLSVELKVYNFTLHGHHDTLNAAADPWSHPQFEK
;
_entity_poly.pdbx_strand_id   A,B
#
# COMPACT_ATOMS: atom_id res chain seq x y z
N ARG A 7 -25.79 -19.34 5.76
CA ARG A 7 -26.38 -18.20 4.97
C ARG A 7 -25.52 -16.94 5.12
N SER A 8 -25.67 -16.25 6.25
CA SER A 8 -24.94 -15.00 6.52
C SER A 8 -23.75 -15.23 7.47
N VAL A 9 -22.71 -14.42 7.32
CA VAL A 9 -21.55 -14.44 8.22
C VAL A 9 -21.96 -13.83 9.56
N VAL A 10 -21.76 -14.59 10.64
CA VAL A 10 -22.23 -14.24 11.98
C VAL A 10 -21.67 -12.93 12.49
N SER A 11 -20.39 -12.70 12.23
CA SER A 11 -19.70 -11.49 12.63
C SER A 11 -20.00 -10.26 11.75
N CYS A 12 -20.70 -10.45 10.63
CA CYS A 12 -20.91 -9.35 9.69
C CYS A 12 -21.90 -8.32 10.25
N PRO A 13 -21.48 -7.05 10.41
CA PRO A 13 -22.46 -6.11 10.94
C PRO A 13 -23.64 -5.89 10.00
N ALA A 14 -24.71 -5.31 10.53
CA ALA A 14 -25.84 -4.87 9.73
C ALA A 14 -25.34 -3.95 8.66
N ASN A 15 -25.95 -4.01 7.49
CA ASN A 15 -25.71 -3.06 6.43
C ASN A 15 -24.35 -3.19 5.74
N CYS A 16 -23.67 -4.30 5.94
CA CYS A 16 -22.36 -4.57 5.32
C CYS A 16 -22.37 -5.86 4.50
N LEU A 17 -21.53 -5.84 3.47
CA LEU A 17 -21.16 -7.01 2.73
C LEU A 17 -19.78 -7.38 3.27
N CYS A 18 -19.64 -8.58 3.82
CA CYS A 18 -18.37 -8.98 4.42
C CYS A 18 -17.62 -9.96 3.54
N ALA A 19 -16.47 -9.51 3.02
CA ALA A 19 -15.56 -10.34 2.27
C ALA A 19 -14.31 -10.56 3.12
N SER A 20 -14.30 -11.62 3.91
CA SER A 20 -13.27 -11.89 4.92
C SER A 20 -12.87 -10.61 5.64
N ASN A 21 -11.65 -10.12 5.43
CA ASN A 21 -11.23 -8.89 6.12
C ASN A 21 -11.63 -7.55 5.42
N ILE A 22 -12.44 -7.63 4.36
CA ILE A 22 -13.05 -6.43 3.73
C ILE A 22 -14.55 -6.28 4.12
N LEU A 23 -14.94 -5.10 4.60
CA LEU A 23 -16.36 -4.81 4.90
C LEU A 23 -16.80 -3.68 3.98
N SER A 24 -17.74 -4.01 3.11
CA SER A 24 -18.23 -3.10 2.12
C SER A 24 -19.58 -2.70 2.66
N CYS A 25 -19.64 -1.50 3.25
CA CYS A 25 -20.85 -0.96 3.88
C CYS A 25 -21.20 0.36 3.26
N SER A 26 -21.02 0.50 1.95
CA SER A 26 -21.25 1.76 1.28
C SER A 26 -22.67 1.88 0.76
N LYS A 27 -23.10 3.12 0.57
CA LYS A 27 -24.40 3.44 0.00
C LYS A 27 -25.53 2.74 0.74
N GLN A 28 -25.53 2.85 2.06
CA GLN A 28 -26.57 2.25 2.93
C GLN A 28 -27.34 3.29 3.76
N GLN A 29 -27.26 4.56 3.37
CA GLN A 29 -27.97 5.66 4.05
C GLN A 29 -27.66 5.79 5.55
N LEU A 30 -26.47 5.35 5.95
CA LEU A 30 -26.17 5.17 7.37
C LEU A 30 -25.86 6.49 8.05
N PRO A 31 -26.58 6.81 9.13
CA PRO A 31 -26.30 8.02 9.89
C PRO A 31 -25.23 7.77 10.98
N ASN A 32 -24.97 6.52 11.31
CA ASN A 32 -23.92 6.15 12.28
C ASN A 32 -23.13 4.95 11.77
N VAL A 33 -21.98 4.72 12.38
CA VAL A 33 -21.13 3.58 12.04
C VAL A 33 -21.81 2.32 12.55
N PRO A 34 -21.87 1.26 11.72
CA PRO A 34 -22.46 0.04 12.24
C PRO A 34 -21.84 -0.43 13.56
N GLN A 35 -22.69 -1.03 14.40
CA GLN A 35 -22.30 -1.55 15.69
C GLN A 35 -21.54 -2.86 15.49
N SER A 36 -20.73 -3.22 16.48
CA SER A 36 -20.05 -4.50 16.53
C SER A 36 -19.20 -4.79 15.30
N LEU A 37 -18.34 -3.83 14.94
CA LEU A 37 -17.40 -4.05 13.84
C LEU A 37 -16.41 -5.10 14.35
N PRO A 38 -16.14 -6.15 13.55
CA PRO A 38 -15.15 -7.15 13.97
C PRO A 38 -13.69 -6.69 13.96
N SER A 39 -12.94 -7.28 14.90
CA SER A 39 -11.57 -6.89 15.14
C SER A 39 -10.63 -7.30 14.01
N TYR A 40 -11.05 -8.27 13.18
CA TYR A 40 -10.27 -8.70 12.00
C TYR A 40 -10.35 -7.75 10.79
N THR A 41 -11.20 -6.73 10.86
CA THR A 41 -11.42 -5.81 9.74
C THR A 41 -10.12 -5.11 9.32
N ALA A 42 -9.80 -5.22 8.02
CA ALA A 42 -8.62 -4.61 7.42
C ALA A 42 -8.95 -3.38 6.59
N LEU A 43 -10.11 -3.40 5.92
CA LEU A 43 -10.58 -2.30 5.08
C LEU A 43 -12.06 -2.09 5.40
N LEU A 44 -12.43 -0.87 5.80
CA LEU A 44 -13.82 -0.52 6.14
C LEU A 44 -14.29 0.57 5.18
N ASP A 45 -15.18 0.20 4.27
CA ASP A 45 -15.70 1.13 3.27
C ASP A 45 -17.06 1.58 3.75
N LEU A 46 -17.12 2.82 4.20
CA LEU A 46 -18.34 3.46 4.69
C LEU A 46 -18.69 4.66 3.79
N SER A 47 -18.17 4.66 2.56
CA SER A 47 -18.40 5.79 1.67
C SER A 47 -19.88 5.87 1.22
N HIS A 48 -20.31 7.08 0.81
CA HIS A 48 -21.66 7.31 0.28
C HIS A 48 -22.72 6.97 1.30
N ASN A 49 -22.49 7.41 2.53
CA ASN A 49 -23.48 7.25 3.57
C ASN A 49 -23.91 8.63 4.05
N ASN A 50 -24.51 8.69 5.23
CA ASN A 50 -25.02 9.93 5.71
C ASN A 50 -24.46 10.24 7.11
N LEU A 51 -23.18 9.91 7.32
CA LEU A 51 -22.53 10.19 8.60
C LEU A 51 -22.26 11.70 8.71
N SER A 52 -22.48 12.25 9.90
CA SER A 52 -22.24 13.69 10.15
C SER A 52 -21.19 13.91 11.23
N ARG A 53 -20.99 12.91 12.07
CA ARG A 53 -20.02 12.98 13.15
C ARG A 53 -19.24 11.67 13.22
N LEU A 54 -17.92 11.78 13.31
CA LEU A 54 -17.12 10.64 13.68
C LEU A 54 -16.82 10.82 15.17
N ARG A 55 -17.62 10.11 15.98
CA ARG A 55 -17.66 10.32 17.42
C ARG A 55 -16.61 9.52 18.14
N ALA A 56 -16.22 9.98 19.32
CA ALA A 56 -15.44 9.16 20.22
C ALA A 56 -16.23 7.86 20.37
N GLU A 57 -15.54 6.74 20.40
CA GLU A 57 -16.25 5.44 20.55
C GLU A 57 -17.21 5.11 19.37
N TRP A 58 -16.95 5.65 18.18
CA TRP A 58 -17.63 5.14 16.99
C TRP A 58 -17.39 3.62 16.89
N THR A 59 -16.29 3.15 17.48
CA THR A 59 -16.07 1.72 17.67
C THR A 59 -15.59 1.49 19.08
N PRO A 60 -16.39 0.79 19.91
CA PRO A 60 -15.96 0.33 21.24
C PRO A 60 -14.75 -0.62 21.25
N THR A 61 -14.52 -1.34 20.16
CA THR A 61 -13.35 -2.23 20.03
C THR A 61 -12.27 -1.67 19.09
N ARG A 62 -11.01 -1.96 19.44
CA ARG A 62 -9.86 -2.21 18.51
C ARG A 62 -9.81 -1.66 17.11
N LEU A 63 -9.90 -2.57 16.18
CA LEU A 63 -9.54 -2.36 14.80
C LEU A 63 -8.04 -2.11 14.73
N THR A 64 -7.28 -2.98 15.42
CA THR A 64 -5.81 -2.92 15.36
C THR A 64 -5.32 -3.45 14.01
N ASN A 65 -6.19 -4.17 13.31
CA ASN A 65 -5.91 -4.67 11.97
C ASN A 65 -6.35 -3.76 10.82
N LEU A 66 -7.03 -2.66 11.14
CA LEU A 66 -7.63 -1.78 10.11
C LEU A 66 -6.54 -0.92 9.48
N HIS A 67 -6.38 -1.07 8.15
CA HIS A 67 -5.38 -0.31 7.38
C HIS A 67 -6.00 0.78 6.50
N SER A 68 -7.23 0.56 6.04
CA SER A 68 -7.94 1.54 5.23
C SER A 68 -9.30 1.84 5.83
N LEU A 69 -9.59 3.12 5.98
CA LEU A 69 -10.92 3.60 6.39
C LEU A 69 -11.42 4.56 5.34
N LEU A 70 -12.49 4.19 4.66
CA LEU A 70 -13.05 5.02 3.56
C LEU A 70 -14.37 5.64 4.01
N LEU A 71 -14.37 6.96 4.11
CA LEU A 71 -15.52 7.72 4.61
C LEU A 71 -15.92 8.85 3.67
N SER A 72 -15.53 8.76 2.41
CA SER A 72 -15.86 9.80 1.46
C SER A 72 -17.36 9.86 1.20
N HIS A 73 -17.80 11.00 0.69
CA HIS A 73 -19.21 11.23 0.38
C HIS A 73 -20.10 10.88 1.55
N ASN A 74 -19.82 11.51 2.68
CA ASN A 74 -20.71 11.56 3.83
C ASN A 74 -20.99 13.03 4.13
N HIS A 75 -21.57 13.35 5.28
CA HIS A 75 -21.77 14.76 5.63
C HIS A 75 -21.00 15.13 6.89
N LEU A 76 -19.76 14.63 6.98
CA LEU A 76 -18.95 14.81 8.18
C LEU A 76 -18.66 16.28 8.35
N ASN A 77 -19.04 16.83 9.49
CA ASN A 77 -18.65 18.18 9.85
C ASN A 77 -17.92 18.21 11.17
N PHE A 78 -17.82 17.05 11.81
CA PHE A 78 -17.14 16.92 13.10
C PHE A 78 -16.38 15.59 13.26
N ILE A 79 -15.16 15.70 13.79
CA ILE A 79 -14.35 14.52 14.10
C ILE A 79 -13.85 14.70 15.52
N SER A 80 -14.10 13.72 16.37
CA SER A 80 -13.68 13.76 17.76
C SER A 80 -12.18 13.80 17.89
N SER A 81 -11.75 14.39 19.01
CA SER A 81 -10.35 14.44 19.37
C SER A 81 -9.86 13.06 19.79
N GLU A 82 -10.80 12.12 19.92
CA GLU A 82 -10.48 10.77 20.30
C GLU A 82 -10.75 9.74 19.18
N ALA A 83 -11.18 10.22 18.03
CA ALA A 83 -11.71 9.37 16.96
C ALA A 83 -10.70 8.34 16.47
N PHE A 84 -9.42 8.69 16.46
CA PHE A 84 -8.41 7.78 15.90
C PHE A 84 -7.64 6.96 16.95
N VAL A 85 -8.07 7.05 18.20
CA VAL A 85 -7.47 6.22 19.23
C VAL A 85 -7.67 4.69 18.95
N PRO A 86 -8.88 4.28 18.50
CA PRO A 86 -9.14 2.87 18.12
C PRO A 86 -8.41 2.32 16.87
N VAL A 87 -7.79 3.15 16.06
CA VAL A 87 -7.24 2.70 14.80
C VAL A 87 -5.78 3.10 14.65
N PRO A 88 -4.91 2.61 15.56
CA PRO A 88 -3.51 3.04 15.60
C PRO A 88 -2.70 2.70 14.35
N ASN A 89 -3.06 1.61 13.71
CA ASN A 89 -2.31 1.10 12.59
C ASN A 89 -2.85 1.52 11.23
N LEU A 90 -3.76 2.48 11.22
CA LEU A 90 -4.34 2.98 9.96
C LEU A 90 -3.27 3.57 9.02
N ARG A 91 -3.36 3.19 7.75
CA ARG A 91 -2.43 3.62 6.72
C ARG A 91 -3.04 4.55 5.69
N TYR A 92 -4.35 4.43 5.47
CA TYR A 92 -5.05 5.11 4.39
C TYR A 92 -6.40 5.60 4.90
N LEU A 93 -6.66 6.89 4.79
CA LEU A 93 -7.88 7.51 5.32
C LEU A 93 -8.42 8.45 4.24
N ASP A 94 -9.63 8.15 3.80
CA ASP A 94 -10.36 8.99 2.85
C ASP A 94 -11.52 9.73 3.52
N LEU A 95 -11.32 11.02 3.72
CA LEU A 95 -12.33 11.91 4.30
C LEU A 95 -12.74 12.93 3.27
N SER A 96 -12.52 12.63 1.98
CA SER A 96 -12.90 13.57 0.92
C SER A 96 -14.42 13.66 0.74
N SER A 97 -14.88 14.71 0.06
CA SER A 97 -16.31 14.92 -0.22
C SER A 97 -17.18 14.86 1.03
N ASN A 98 -16.84 15.68 2.02
CA ASN A 98 -17.59 15.82 3.24
C ASN A 98 -17.87 17.31 3.54
N HIS A 99 -18.28 17.63 4.75
CA HIS A 99 -18.57 19.01 5.14
C HIS A 99 -17.58 19.54 6.18
N LEU A 100 -16.32 19.11 6.11
CA LEU A 100 -15.33 19.49 7.12
C LEU A 100 -14.93 20.97 6.93
N HIS A 101 -14.74 21.69 8.04
CA HIS A 101 -14.51 23.14 7.97
C HIS A 101 -13.25 23.60 8.67
N THR A 102 -12.95 22.98 9.80
CA THR A 102 -11.71 23.29 10.52
C THR A 102 -11.05 22.04 11.04
N LEU A 103 -9.74 21.98 10.79
CA LEU A 103 -8.87 20.91 11.24
C LEU A 103 -8.11 21.39 12.50
N ASP A 104 -8.59 20.96 13.67
CA ASP A 104 -8.08 21.47 14.95
C ASP A 104 -6.68 20.94 15.26
N GLU A 105 -6.02 21.54 16.24
CA GLU A 105 -4.70 21.05 16.64
C GLU A 105 -4.83 19.61 17.06
N PHE A 106 -3.84 18.81 16.66
CA PHE A 106 -3.70 17.42 17.06
C PHE A 106 -4.79 16.48 16.54
N LEU A 107 -5.60 16.96 15.57
CA LEU A 107 -6.73 16.18 15.06
C LEU A 107 -6.32 14.83 14.48
N PHE A 108 -5.23 14.81 13.73
CA PHE A 108 -4.75 13.56 13.13
C PHE A 108 -3.50 13.00 13.78
N SER A 109 -3.14 13.52 14.94
CA SER A 109 -1.87 13.19 15.58
C SER A 109 -1.75 11.75 16.10
N ASP A 110 -2.86 11.06 16.29
CA ASP A 110 -2.81 9.66 16.67
C ASP A 110 -2.53 8.71 15.50
N LEU A 111 -2.55 9.22 14.28
CA LEU A 111 -2.40 8.41 13.06
C LEU A 111 -0.94 8.39 12.60
N GLN A 112 -0.10 7.76 13.41
CA GLN A 112 1.35 7.86 13.21
C GLN A 112 1.89 6.86 12.17
N ALA A 113 1.02 5.96 11.71
CA ALA A 113 1.35 5.03 10.63
C ALA A 113 0.70 5.42 9.28
N LEU A 114 -0.06 6.52 9.28
CA LEU A 114 -0.85 6.90 8.10
C LEU A 114 0.10 7.38 7.04
N GLU A 115 -0.11 6.88 5.82
CA GLU A 115 0.67 7.23 4.65
C GLU A 115 -0.06 8.13 3.67
N VAL A 116 -1.38 8.02 3.62
CA VAL A 116 -2.21 8.82 2.70
C VAL A 116 -3.41 9.39 3.43
N LEU A 117 -3.61 10.70 3.34
CA LEU A 117 -4.79 11.38 3.92
C LEU A 117 -5.46 12.21 2.83
N LEU A 118 -6.71 11.86 2.55
CA LEU A 118 -7.52 12.56 1.54
C LEU A 118 -8.54 13.40 2.26
N LEU A 119 -8.50 14.69 1.98
CA LEU A 119 -9.34 15.72 2.59
C LEU A 119 -9.88 16.68 1.53
N TYR A 120 -9.91 16.23 0.28
CA TYR A 120 -10.23 17.15 -0.80
C TYR A 120 -11.73 17.26 -0.90
N ASN A 121 -12.19 18.35 -1.51
CA ASN A 121 -13.61 18.61 -1.66
C ASN A 121 -14.35 18.63 -0.34
N ASN A 122 -13.81 19.36 0.63
CA ASN A 122 -14.53 19.71 1.86
C ASN A 122 -14.88 21.21 1.91
N HIS A 123 -15.18 21.73 3.10
CA HIS A 123 -15.40 23.17 3.31
C HIS A 123 -14.33 23.78 4.20
N ILE A 124 -13.07 23.35 4.05
CA ILE A 124 -12.03 23.70 5.01
C ILE A 124 -11.56 25.15 4.84
N VAL A 125 -11.85 25.96 5.86
CA VAL A 125 -11.44 27.37 5.91
C VAL A 125 -10.22 27.54 6.80
N VAL A 126 -10.10 26.71 7.83
CA VAL A 126 -8.96 26.78 8.77
C VAL A 126 -8.25 25.44 8.91
N VAL A 127 -6.91 25.51 8.84
CA VAL A 127 -6.03 24.38 9.07
C VAL A 127 -5.06 24.76 10.21
N ASP A 128 -5.22 24.12 11.36
CA ASP A 128 -4.37 24.44 12.47
C ASP A 128 -2.94 24.00 12.18
N ARG A 129 -2.00 24.80 12.68
CA ARG A 129 -0.54 24.57 12.58
C ARG A 129 -0.13 23.22 13.13
N ASN A 130 -0.94 22.68 14.05
CA ASN A 130 -0.67 21.37 14.64
C ASN A 130 -1.66 20.27 14.27
N ALA A 131 -2.43 20.45 13.19
CA ALA A 131 -3.41 19.45 12.78
C ALA A 131 -2.74 18.09 12.48
N PHE A 132 -1.54 18.13 11.91
CA PHE A 132 -0.86 16.96 11.40
C PHE A 132 0.41 16.62 12.19
N GLU A 133 0.56 17.21 13.38
CA GLU A 133 1.71 16.94 14.24
C GLU A 133 1.81 15.45 14.56
N ASP A 134 3.05 14.92 14.52
CA ASP A 134 3.37 13.51 14.84
C ASP A 134 3.16 12.50 13.70
N MET A 135 2.69 12.96 12.55
CA MET A 135 2.35 12.07 11.43
C MET A 135 3.61 11.76 10.63
N ALA A 136 4.46 10.96 11.24
CA ALA A 136 5.78 10.64 10.69
C ALA A 136 5.77 9.85 9.39
N GLN A 137 4.73 9.06 9.13
CA GLN A 137 4.69 8.19 7.97
C GLN A 137 3.96 8.80 6.79
N LEU A 138 3.46 10.01 6.96
CA LEU A 138 2.54 10.60 5.99
C LEU A 138 3.32 11.03 4.78
N GLN A 139 2.91 10.48 3.63
CA GLN A 139 3.57 10.77 2.37
C GLN A 139 2.70 11.63 1.44
N LYS A 140 1.38 11.48 1.52
CA LYS A 140 0.50 12.16 0.58
C LYS A 140 -0.65 12.79 1.34
N LEU A 141 -0.80 14.09 1.15
CA LEU A 141 -1.84 14.92 1.81
C LEU A 141 -2.60 15.68 0.73
N TYR A 142 -3.84 15.28 0.49
CA TYR A 142 -4.68 15.90 -0.54
C TYR A 142 -5.66 16.88 0.10
N LEU A 143 -5.51 18.16 -0.25
CA LEU A 143 -6.32 19.22 0.34
C LEU A 143 -6.97 20.10 -0.74
N SER A 144 -7.05 19.60 -1.98
CA SER A 144 -7.73 20.30 -3.10
C SER A 144 -9.18 20.66 -2.82
N GLN A 145 -9.71 21.63 -3.57
CA GLN A 145 -11.13 22.00 -3.50
C GLN A 145 -11.64 22.26 -2.12
N ASN A 146 -10.96 23.15 -1.40
CA ASN A 146 -11.41 23.66 -0.10
C ASN A 146 -11.44 25.21 -0.17
N GLN A 147 -11.35 25.90 0.96
CA GLN A 147 -11.30 27.37 1.00
C GLN A 147 -10.11 27.86 1.82
N ILE A 148 -8.99 27.14 1.75
CA ILE A 148 -7.81 27.47 2.55
C ILE A 148 -7.18 28.73 1.97
N SER A 149 -6.97 29.73 2.81
CA SER A 149 -6.32 30.97 2.35
C SER A 149 -4.93 31.18 2.96
N ARG A 150 -4.61 30.50 4.05
CA ARG A 150 -3.26 30.54 4.64
C ARG A 150 -2.45 29.31 4.17
N PHE A 151 -1.31 29.53 3.51
CA PHE A 151 -0.44 28.43 3.14
C PHE A 151 0.05 27.78 4.42
N PRO A 152 -0.09 26.46 4.56
CA PRO A 152 0.35 25.76 5.76
C PRO A 152 1.87 25.65 5.80
N VAL A 153 2.53 26.77 6.11
CA VAL A 153 3.99 26.88 5.95
C VAL A 153 4.74 25.90 6.86
N GLU A 154 4.16 25.59 8.00
CA GLU A 154 4.73 24.64 8.94
C GLU A 154 5.00 23.24 8.39
N LEU A 155 4.32 22.87 7.31
CA LEU A 155 4.46 21.53 6.76
C LEU A 155 5.71 21.40 5.87
N ILE A 156 6.21 22.54 5.37
CA ILE A 156 7.37 22.57 4.50
C ILE A 156 8.57 23.38 5.03
N LYS A 157 8.47 23.99 6.22
CA LYS A 157 9.57 24.83 6.75
C LYS A 157 10.78 23.98 7.08
N LEU A 162 6.48 17.15 8.74
CA LEU A 162 6.04 15.97 7.99
C LEU A 162 7.22 15.50 7.16
N PRO A 163 8.10 14.71 7.79
CA PRO A 163 9.37 14.31 7.20
C PRO A 163 9.27 13.46 5.93
N LYS A 164 8.16 12.74 5.72
CA LYS A 164 8.04 11.89 4.53
C LYS A 164 7.09 12.44 3.48
N LEU A 165 6.59 13.67 3.70
CA LEU A 165 5.61 14.25 2.84
C LEU A 165 6.22 14.52 1.48
N MET A 166 5.64 13.89 0.46
CA MET A 166 6.11 14.04 -0.90
C MET A 166 4.99 14.45 -1.88
N LEU A 167 3.74 14.44 -1.40
CA LEU A 167 2.64 14.99 -2.19
C LEU A 167 1.78 15.82 -1.26
N LEU A 168 1.70 17.10 -1.59
CA LEU A 168 0.86 18.07 -0.90
C LEU A 168 0.03 18.77 -1.96
N ASP A 169 -1.23 18.37 -2.07
CA ASP A 169 -2.11 18.96 -3.07
C ASP A 169 -2.96 20.07 -2.46
N LEU A 170 -2.61 21.32 -2.80
CA LEU A 170 -3.35 22.48 -2.37
C LEU A 170 -3.96 23.19 -3.57
N SER A 171 -4.21 22.46 -4.66
CA SER A 171 -4.88 23.07 -5.81
C SER A 171 -6.33 23.45 -5.49
N SER A 172 -6.87 24.37 -6.29
CA SER A 172 -8.28 24.76 -6.18
C SER A 172 -8.67 25.18 -4.77
N ASN A 173 -7.93 26.15 -4.25
CA ASN A 173 -8.15 26.73 -2.93
C ASN A 173 -8.20 28.27 -3.07
N LYS A 174 -7.87 29.00 -1.98
CA LYS A 174 -7.85 30.46 -1.97
C LYS A 174 -6.49 30.99 -1.56
N LEU A 175 -5.44 30.35 -2.00
CA LEU A 175 -4.09 30.79 -1.74
C LEU A 175 -3.75 32.00 -2.62
N LYS A 176 -3.27 33.07 -1.97
CA LYS A 176 -2.79 34.30 -2.64
C LYS A 176 -1.29 34.48 -2.37
N LYS A 177 -0.94 34.53 -1.09
CA LYS A 177 0.42 34.75 -0.62
C LYS A 177 1.12 33.42 -0.34
N LEU A 178 2.30 33.22 -0.91
CA LEU A 178 3.09 32.03 -0.69
C LEU A 178 4.40 32.34 0.00
N PRO A 179 4.87 31.45 0.89
CA PRO A 179 6.21 31.58 1.49
C PRO A 179 7.35 31.16 0.54
N LEU A 180 7.64 32.02 -0.42
CA LEU A 180 8.47 31.68 -1.56
C LEU A 180 9.89 31.27 -1.19
N THR A 181 10.44 31.89 -0.16
CA THR A 181 11.79 31.52 0.28
C THR A 181 11.80 30.12 0.88
N ASP A 182 10.79 29.80 1.68
CA ASP A 182 10.64 28.44 2.20
C ASP A 182 10.44 27.43 1.07
N LEU A 183 9.60 27.79 0.12
CA LEU A 183 9.34 26.93 -1.04
C LEU A 183 10.60 26.70 -1.88
N GLN A 184 11.45 27.72 -1.97
CA GLN A 184 12.69 27.61 -2.74
C GLN A 184 13.63 26.59 -2.15
N LYS A 185 13.64 26.47 -0.84
CA LYS A 185 14.61 25.61 -0.14
C LYS A 185 14.16 24.17 -0.04
N LEU A 186 12.92 23.92 -0.44
CA LEU A 186 12.35 22.59 -0.40
C LEU A 186 13.13 21.64 -1.28
N PRO A 187 13.28 20.37 -0.86
CA PRO A 187 13.85 19.39 -1.77
C PRO A 187 13.00 19.21 -3.01
N ALA A 188 13.67 19.00 -4.15
CA ALA A 188 12.98 18.81 -5.41
C ALA A 188 12.02 17.63 -5.35
N TRP A 189 12.32 16.63 -4.51
CA TRP A 189 11.42 15.48 -4.38
C TRP A 189 10.10 15.83 -3.69
N VAL A 190 10.08 16.87 -2.86
CA VAL A 190 8.82 17.44 -2.34
C VAL A 190 8.14 18.37 -3.34
N LYS A 191 8.88 19.30 -3.96
CA LYS A 191 8.34 20.20 -5.01
C LYS A 191 7.63 19.45 -6.13
N ASN A 192 8.18 18.30 -6.48
CA ASN A 192 7.60 17.45 -7.51
C ASN A 192 6.12 17.13 -7.27
N GLY A 193 5.71 17.13 -6.00
CA GLY A 193 4.33 16.80 -5.65
C GLY A 193 3.60 17.91 -4.93
N LEU A 194 4.08 19.14 -5.05
CA LEU A 194 3.43 20.29 -4.38
C LEU A 194 2.57 21.03 -5.41
N TYR A 195 1.26 20.80 -5.31
CA TYR A 195 0.33 21.25 -6.33
C TYR A 195 -0.35 22.54 -5.87
N LEU A 196 -0.12 23.60 -6.65
CA LEU A 196 -0.63 24.92 -6.28
C LEU A 196 -1.46 25.55 -7.37
N HIS A 197 -1.88 24.75 -8.34
CA HIS A 197 -2.70 25.24 -9.45
C HIS A 197 -4.12 25.60 -9.03
N ASN A 198 -4.77 26.41 -9.86
CA ASN A 198 -6.12 26.85 -9.61
C ASN A 198 -6.27 27.63 -8.29
N ASN A 199 -5.29 28.47 -7.98
CA ASN A 199 -5.38 29.38 -6.86
C ASN A 199 -5.13 30.80 -7.34
N PRO A 200 -5.74 31.79 -6.68
CA PRO A 200 -5.55 33.22 -7.00
C PRO A 200 -4.21 33.76 -6.49
N LEU A 201 -3.12 33.10 -6.86
CA LEU A 201 -1.80 33.44 -6.33
C LEU A 201 -1.45 34.88 -6.72
N GLU A 202 -0.64 35.55 -5.92
CA GLU A 202 -0.20 36.92 -6.23
C GLU A 202 0.77 36.86 -7.40
N CYS A 203 0.54 37.67 -8.43
CA CYS A 203 1.41 37.70 -9.59
C CYS A 203 2.66 38.45 -9.22
N ASP A 204 3.80 37.88 -9.59
CA ASP A 204 5.05 38.31 -9.00
C ASP A 204 6.21 37.67 -9.74
N CYS A 205 7.26 38.43 -9.98
CA CYS A 205 8.44 37.89 -10.66
C CYS A 205 9.00 36.69 -9.91
N LYS A 206 9.02 36.77 -8.58
CA LYS A 206 9.56 35.66 -7.78
C LYS A 206 8.75 34.39 -7.97
N LEU A 207 7.45 34.54 -8.14
CA LEU A 207 6.55 33.40 -8.41
C LEU A 207 6.80 32.81 -9.78
N TYR A 208 6.98 33.65 -10.78
CA TYR A 208 7.32 33.17 -12.12
C TYR A 208 8.62 32.39 -12.07
N GLN A 209 9.60 32.96 -11.39
CA GLN A 209 10.92 32.34 -11.24
C GLN A 209 10.86 30.95 -10.56
N LEU A 210 10.07 30.83 -9.50
CA LEU A 210 9.84 29.54 -8.83
C LEU A 210 9.30 28.53 -9.84
N PHE A 211 8.20 28.87 -10.50
CA PHE A 211 7.57 27.91 -11.41
C PHE A 211 8.38 27.63 -12.68
N SER A 212 9.15 28.62 -13.12
CA SER A 212 10.00 28.44 -14.28
C SER A 212 11.15 27.45 -13.94
N HIS A 213 11.71 27.57 -12.73
CA HIS A 213 12.67 26.56 -12.29
C HIS A 213 12.04 25.15 -12.27
N TRP A 214 10.82 25.02 -11.73
CA TRP A 214 10.18 23.72 -11.62
C TRP A 214 9.92 23.14 -13.01
N GLN A 215 9.64 24.02 -13.96
CA GLN A 215 9.41 23.60 -15.33
C GLN A 215 10.72 23.06 -15.94
N TYR A 216 11.83 23.75 -15.75
CA TYR A 216 13.14 23.30 -16.23
C TYR A 216 13.47 21.89 -15.70
N ARG A 217 13.25 21.68 -14.40
CA ARG A 217 13.43 20.39 -13.73
C ARG A 217 12.38 19.32 -14.07
N GLN A 218 11.37 19.72 -14.85
CA GLN A 218 10.28 18.84 -15.28
C GLN A 218 9.53 18.17 -14.13
N LEU A 219 9.22 18.96 -13.11
CA LEU A 219 8.44 18.49 -11.97
C LEU A 219 7.00 18.28 -12.42
N SER A 220 6.42 17.15 -12.03
CA SER A 220 5.03 16.79 -12.35
C SER A 220 4.01 17.85 -11.97
N SER A 221 4.23 18.46 -10.81
CA SER A 221 3.37 19.53 -10.29
C SER A 221 3.16 20.66 -11.32
N VAL A 222 4.21 20.98 -12.06
CA VAL A 222 4.12 21.99 -13.13
C VAL A 222 3.76 21.36 -14.49
N MET A 223 4.45 20.29 -14.85
CA MET A 223 4.29 19.65 -16.16
C MET A 223 2.88 19.13 -16.36
N ASP A 224 2.28 18.59 -15.31
CA ASP A 224 0.96 17.99 -15.43
C ASP A 224 -0.14 19.04 -15.48
N PHE A 225 0.13 20.23 -14.95
CA PHE A 225 -0.90 21.25 -14.74
C PHE A 225 -0.53 22.65 -15.23
N GLN A 226 0.32 22.72 -16.25
CA GLN A 226 0.80 24.02 -16.79
C GLN A 226 -0.34 24.97 -17.14
N GLU A 227 -1.40 24.44 -17.73
CA GLU A 227 -2.53 25.25 -18.18
C GLU A 227 -3.39 25.77 -17.01
N ASP A 228 -3.21 25.20 -15.82
CA ASP A 228 -4.01 25.57 -14.64
C ASP A 228 -3.29 26.42 -13.61
N LEU A 229 -2.02 26.75 -13.88
CA LEU A 229 -1.22 27.48 -12.92
C LEU A 229 -1.49 28.98 -13.08
N TYR A 230 -2.30 29.53 -12.19
CA TYR A 230 -2.72 30.90 -12.27
C TYR A 230 -2.11 31.76 -11.18
N CYS A 231 -2.00 33.04 -11.50
CA CYS A 231 -1.95 34.07 -10.49
C CYS A 231 -3.10 35.05 -10.77
N MET A 232 -3.32 35.98 -9.85
CA MET A 232 -4.37 36.98 -10.01
C MET A 232 -3.83 38.36 -9.67
N HIS A 233 -4.00 39.31 -10.58
CA HIS A 233 -3.50 40.67 -10.37
C HIS A 233 -4.61 41.71 -10.55
N SER A 234 -4.93 42.45 -9.49
CA SER A 234 -6.04 43.42 -9.51
C SER A 234 -7.29 42.78 -10.14
N LYS A 235 -7.72 41.65 -9.56
CA LYS A 235 -8.66 40.73 -10.23
C LYS A 235 -8.04 40.27 -11.56
N LYS A 236 -8.81 39.56 -12.38
CA LYS A 236 -8.36 39.19 -13.75
C LYS A 236 -8.01 37.70 -13.88
N LEU A 237 -6.92 37.26 -13.23
CA LEU A 237 -6.48 35.85 -13.31
C LEU A 237 -5.77 35.54 -14.62
N HIS A 238 -4.47 35.24 -14.53
CA HIS A 238 -3.67 34.91 -15.71
C HIS A 238 -2.86 33.65 -15.47
N ASN A 239 -2.73 32.83 -16.51
CA ASN A 239 -1.75 31.76 -16.48
C ASN A 239 -0.38 32.37 -16.21
N ILE A 240 0.30 31.88 -15.19
CA ILE A 240 1.61 32.42 -14.80
C ILE A 240 2.65 32.45 -15.94
N PHE A 241 2.69 31.43 -16.78
CA PHE A 241 3.64 31.41 -17.87
C PHE A 241 3.29 32.36 -19.03
N SER A 242 2.09 32.96 -18.99
CA SER A 242 1.68 33.99 -19.94
C SER A 242 2.21 35.37 -19.61
N LEU A 243 2.79 35.54 -18.42
CA LEU A 243 3.24 36.82 -17.96
C LEU A 243 4.74 36.99 -18.21
N ASP A 244 5.07 38.08 -18.91
CA ASP A 244 6.43 38.51 -19.16
C ASP A 244 6.79 39.63 -18.20
N PHE A 245 7.45 39.28 -17.09
CA PHE A 245 7.81 40.24 -16.06
C PHE A 245 9.00 41.11 -16.41
N PHE A 246 8.85 42.40 -16.17
CA PHE A 246 9.93 43.36 -16.32
C PHE A 246 10.99 43.12 -15.24
N ASN A 247 12.26 43.33 -15.62
CA ASN A 247 13.40 43.20 -14.70
C ASN A 247 13.32 41.90 -13.90
N CYS A 248 13.12 40.80 -14.61
CA CYS A 248 12.93 39.48 -14.00
C CYS A 248 13.81 38.42 -14.69
N SER A 249 14.94 38.11 -14.05
CA SER A 249 15.95 37.15 -14.53
C SER A 249 15.43 35.71 -14.61
N GLU A 250 16.06 34.91 -15.46
CA GLU A 250 15.53 33.59 -15.88
C GLU A 250 15.16 32.63 -14.73
N TYR A 251 16.07 32.55 -13.76
CA TYR A 251 15.99 31.76 -12.52
C TYR A 251 17.46 31.33 -12.24
N LYS A 252 17.88 31.41 -10.97
CA LYS A 252 19.30 31.31 -10.60
C LYS A 252 19.81 29.87 -10.51
N GLU A 253 21.01 29.63 -11.06
CA GLU A 253 21.70 28.35 -10.87
C GLU A 253 22.06 28.20 -9.38
N SER A 254 22.28 26.96 -8.96
CA SER A 254 22.55 26.62 -7.55
C SER A 254 24.02 26.84 -7.17
N ALA A 255 24.25 27.74 -6.20
CA ALA A 255 25.61 28.23 -5.90
C ALA A 255 25.81 28.57 -4.42
N TRP A 256 26.06 27.57 -3.61
CA TRP A 256 26.32 27.79 -2.19
C TRP A 256 27.53 28.68 -1.98
N GLU A 257 27.39 29.62 -1.02
CA GLU A 257 28.45 30.52 -0.61
C GLU A 257 28.80 30.20 0.83
N ALA A 258 30.09 29.99 1.10
CA ALA A 258 30.54 29.68 2.47
C ALA A 258 31.74 30.53 2.88
N HIS A 259 31.92 30.67 4.20
CA HIS A 259 33.13 31.27 4.76
C HIS A 259 34.19 30.22 5.01
N LEU A 260 35.43 30.55 4.69
CA LEU A 260 36.58 29.75 5.12
C LEU A 260 36.34 29.26 6.55
N GLY A 261 36.54 27.97 6.76
CA GLY A 261 36.36 27.34 8.07
C GLY A 261 34.98 26.79 8.35
N ASP A 262 34.00 27.10 7.50
CA ASP A 262 32.64 26.59 7.71
C ASP A 262 32.52 25.06 7.62
N THR A 263 31.55 24.52 8.37
CA THR A 263 31.07 23.17 8.15
C THR A 263 29.79 23.25 7.33
N LEU A 264 29.68 22.39 6.33
CA LEU A 264 28.62 22.54 5.34
C LEU A 264 28.26 21.18 4.73
N THR A 265 26.96 21.00 4.50
CA THR A 265 26.41 19.89 3.76
C THR A 265 25.63 20.40 2.54
N ILE A 266 25.90 19.82 1.37
CA ILE A 266 25.18 20.17 0.15
C ILE A 266 24.50 18.90 -0.40
N ARG A 267 23.19 18.97 -0.54
CA ARG A 267 22.40 17.87 -1.08
C ARG A 267 22.53 17.77 -2.58
N CYS A 268 22.41 16.54 -3.04
CA CYS A 268 22.15 16.23 -4.43
C CYS A 268 20.63 16.29 -4.57
N ASP A 269 20.15 17.36 -5.17
CA ASP A 269 18.72 17.71 -5.14
C ASP A 269 17.88 16.98 -6.20
N THR A 270 17.84 15.66 -6.12
CA THR A 270 17.09 14.86 -7.10
C THR A 270 15.55 14.99 -6.93
N LYS A 271 14.84 14.76 -8.05
CA LYS A 271 13.37 14.81 -8.24
C LYS A 271 12.61 13.69 -7.55
N GLN A 272 13.31 12.61 -7.24
CA GLN A 272 12.72 11.39 -6.75
C GLN A 272 13.70 10.78 -5.78
N GLN A 273 13.17 10.18 -4.72
CA GLN A 273 13.99 9.54 -3.70
C GLN A 273 14.51 8.18 -4.14
N GLY A 274 15.57 7.74 -3.46
CA GLY A 274 16.13 6.42 -3.65
C GLY A 274 17.02 6.21 -4.86
N MET A 275 17.43 7.30 -5.53
CA MET A 275 18.33 7.21 -6.68
C MET A 275 19.79 7.02 -6.23
N THR A 276 20.61 6.44 -7.10
CA THR A 276 22.04 6.20 -6.88
C THR A 276 22.81 7.48 -7.19
N LYS A 277 23.59 7.99 -6.24
CA LYS A 277 24.28 9.31 -6.35
C LYS A 277 25.82 9.18 -6.37
N VAL A 278 26.48 9.74 -7.38
CA VAL A 278 27.96 9.80 -7.41
C VAL A 278 28.35 11.25 -7.59
N TRP A 279 29.19 11.75 -6.70
CA TRP A 279 29.66 13.14 -6.71
C TRP A 279 31.08 13.23 -7.25
N VAL A 280 31.29 14.19 -8.13
CA VAL A 280 32.60 14.43 -8.75
C VAL A 280 33.02 15.86 -8.43
N SER A 281 34.21 16.01 -7.89
CA SER A 281 34.73 17.30 -7.47
C SER A 281 35.13 18.18 -8.65
N PRO A 282 35.47 19.45 -8.39
CA PRO A 282 35.96 20.33 -9.46
C PRO A 282 37.29 19.88 -10.07
N SER A 283 38.09 19.09 -9.32
CA SER A 283 39.32 18.44 -9.84
C SER A 283 39.01 17.18 -10.66
N ASN A 284 37.74 16.95 -10.97
CA ASN A 284 37.30 15.75 -11.66
C ASN A 284 37.64 14.42 -10.97
N GLU A 285 37.67 14.44 -9.64
CA GLU A 285 37.88 13.24 -8.82
C GLU A 285 36.56 12.86 -8.14
N GLN A 286 36.32 11.56 -7.96
CA GLN A 286 35.11 11.11 -7.24
C GLN A 286 35.28 11.39 -5.75
N VAL A 287 34.29 12.07 -5.17
CA VAL A 287 34.25 12.33 -3.75
C VAL A 287 33.81 11.03 -3.10
N LEU A 288 34.60 10.53 -2.19
CA LEU A 288 34.38 9.21 -1.66
C LEU A 288 33.71 9.24 -0.28
N SER A 289 32.83 8.27 -0.05
CA SER A 289 32.40 7.91 1.29
C SER A 289 33.46 6.96 1.81
N GLN A 290 34.17 7.37 2.87
CA GLN A 290 35.23 6.54 3.48
C GLN A 290 35.52 6.93 4.93
N GLY A 291 36.31 7.99 5.11
CA GLY A 291 36.93 8.30 6.41
C GLY A 291 36.14 9.36 7.24
N SER A 292 36.68 9.69 8.41
CA SER A 292 36.19 10.80 9.24
C SER A 292 37.18 11.96 9.23
N ASN A 293 38.21 11.85 8.38
CA ASN A 293 39.16 12.93 8.11
C ASN A 293 38.60 13.89 7.04
N GLY A 294 39.36 14.94 6.73
CA GLY A 294 38.94 15.97 5.78
C GLY A 294 39.60 15.72 4.42
N SER A 295 39.29 16.52 3.40
CA SER A 295 38.33 17.62 3.50
C SER A 295 36.93 17.10 3.13
N VAL A 296 36.57 17.18 1.85
CA VAL A 296 35.22 16.81 1.42
C VAL A 296 34.96 15.29 1.51
N SER A 297 33.75 14.91 1.91
CA SER A 297 33.30 13.52 1.84
C SER A 297 31.77 13.46 1.58
N VAL A 298 31.23 12.26 1.40
CA VAL A 298 29.82 12.06 1.12
C VAL A 298 29.14 11.37 2.30
N ARG A 299 28.14 12.03 2.88
CA ARG A 299 27.34 11.44 3.95
C ARG A 299 25.88 11.34 3.56
N ASN A 300 25.35 10.13 3.62
CA ASN A 300 23.96 9.89 3.30
C ASN A 300 23.71 9.98 1.80
N GLY A 301 24.60 10.66 1.06
CA GLY A 301 24.40 10.99 -0.34
C GLY A 301 24.58 12.49 -0.60
N ASP A 302 24.85 13.24 0.47
CA ASP A 302 25.14 14.68 0.41
C ASP A 302 26.64 14.91 0.45
N LEU A 303 27.09 16.07 -0.06
CA LEU A 303 28.48 16.50 0.12
C LEU A 303 28.63 17.05 1.51
N PHE A 304 29.71 16.67 2.19
CA PHE A 304 30.02 17.16 3.51
C PHE A 304 31.42 17.74 3.54
N PHE A 305 31.54 18.99 3.98
CA PHE A 305 32.83 19.66 4.17
C PHE A 305 32.97 19.95 5.65
N LYS A 306 33.96 19.32 6.28
CA LYS A 306 34.22 19.54 7.72
C LYS A 306 34.65 20.96 8.02
N LYS A 307 35.64 21.45 7.28
CA LYS A 307 36.14 22.83 7.42
C LYS A 307 36.53 23.33 6.05
N VAL A 308 35.64 24.10 5.43
CA VAL A 308 35.84 24.53 4.05
C VAL A 308 37.12 25.34 3.91
N GLN A 309 37.87 25.06 2.84
CA GLN A 309 39.12 25.77 2.50
C GLN A 309 38.93 26.42 1.15
N VAL A 310 39.82 27.37 0.84
CA VAL A 310 39.81 28.03 -0.46
C VAL A 310 39.85 27.01 -1.59
N GLU A 311 40.69 25.99 -1.42
CA GLU A 311 40.97 24.96 -2.43
C GLU A 311 39.80 23.99 -2.69
N ASP A 312 38.85 23.95 -1.77
CA ASP A 312 37.59 23.28 -2.01
C ASP A 312 36.90 24.23 -2.96
N GLY A 313 35.69 24.00 -3.39
CA GLY A 313 35.05 25.12 -4.10
C GLY A 313 35.38 25.16 -5.57
N GLY A 314 34.38 25.55 -6.33
CA GLY A 314 34.29 25.20 -7.73
C GLY A 314 32.99 24.46 -7.91
N VAL A 315 32.81 23.90 -9.10
CA VAL A 315 31.61 23.18 -9.45
C VAL A 315 31.74 21.68 -9.11
N TYR A 316 30.85 21.20 -8.25
CA TYR A 316 30.68 19.79 -7.95
C TYR A 316 29.47 19.29 -8.72
N THR A 317 29.57 18.08 -9.25
CA THR A 317 28.49 17.50 -10.02
C THR A 317 28.06 16.16 -9.42
N CYS A 318 26.77 16.07 -9.17
CA CYS A 318 26.17 14.84 -8.71
C CYS A 318 25.50 14.16 -9.88
N TYR A 319 25.96 12.96 -10.15
CA TYR A 319 25.39 12.08 -11.15
C TYR A 319 24.46 11.14 -10.44
N ALA A 320 23.16 11.30 -10.69
CA ALA A 320 22.14 10.48 -10.02
C ALA A 320 21.45 9.57 -11.04
N MET A 321 21.24 8.32 -10.66
CA MET A 321 20.72 7.28 -11.58
C MET A 321 19.46 6.63 -10.98
N GLY A 322 18.36 6.69 -11.70
CA GLY A 322 17.11 6.06 -11.28
C GLY A 322 16.68 4.96 -12.23
N GLU A 323 15.61 4.26 -11.87
CA GLU A 323 15.05 3.23 -12.74
C GLU A 323 14.46 3.84 -14.01
N THR A 324 13.77 4.98 -13.88
CA THR A 324 13.02 5.56 -15.01
C THR A 324 13.78 6.69 -15.71
N PHE A 325 14.58 7.42 -14.94
CA PHE A 325 15.38 8.54 -15.49
C PHE A 325 16.66 8.75 -14.69
N ASN A 326 17.60 9.48 -15.29
CA ASN A 326 18.75 9.98 -14.55
C ASN A 326 18.68 11.50 -14.41
N GLU A 327 19.48 12.05 -13.50
CA GLU A 327 19.63 13.50 -13.35
C GLU A 327 21.08 13.88 -13.08
N THR A 328 21.52 14.96 -13.71
CA THR A 328 22.87 15.48 -13.48
C THR A 328 22.70 16.89 -12.92
N LEU A 329 23.08 17.03 -11.66
CA LEU A 329 22.87 18.25 -10.92
C LEU A 329 24.23 18.83 -10.52
N SER A 330 24.43 20.11 -10.83
CA SER A 330 25.67 20.82 -10.47
C SER A 330 25.44 21.82 -9.36
N VAL A 331 26.44 21.97 -8.50
CA VAL A 331 26.42 22.97 -7.46
C VAL A 331 27.77 23.66 -7.43
N GLU A 332 27.77 24.98 -7.49
CA GLU A 332 29.02 25.74 -7.36
C GLU A 332 29.21 26.15 -5.91
N LEU A 333 30.30 25.71 -5.30
CA LEU A 333 30.69 26.23 -4.00
C LEU A 333 31.63 27.42 -4.22
N LYS A 334 31.26 28.55 -3.62
CA LYS A 334 32.05 29.78 -3.62
C LYS A 334 32.52 30.03 -2.18
N VAL A 335 33.83 29.97 -1.97
CA VAL A 335 34.41 30.12 -0.63
C VAL A 335 34.92 31.56 -0.46
N TYR A 336 34.40 32.26 0.55
CA TYR A 336 34.83 33.63 0.84
C TYR A 336 35.87 33.64 1.95
N ASN A 337 36.98 34.33 1.71
CA ASN A 337 38.04 34.46 2.72
C ASN A 337 37.84 35.64 3.68
N PHE A 338 36.68 36.26 3.63
CA PHE A 338 36.33 37.29 4.59
C PHE A 338 34.86 37.16 5.05
N THR A 339 34.57 37.73 6.22
CA THR A 339 33.19 37.90 6.70
C THR A 339 32.83 39.37 6.62
N LEU A 340 31.58 39.64 6.32
CA LEU A 340 31.09 40.99 6.20
C LEU A 340 30.33 41.38 7.47
N HIS A 341 30.61 40.69 8.60
CA HIS A 341 30.13 41.14 9.90
C HIS A 341 30.83 40.37 11.03
N VAL B 9 -10.87 23.04 -13.19
CA VAL B 9 -9.41 22.74 -13.07
C VAL B 9 -9.07 21.63 -14.03
N VAL B 10 -9.67 21.75 -15.22
CA VAL B 10 -9.79 20.68 -16.18
C VAL B 10 -8.98 20.99 -17.44
N SER B 11 -8.44 20.03 -18.22
CA SER B 11 -8.29 18.51 -18.14
C SER B 11 -9.19 17.52 -17.39
N CYS B 12 -10.15 17.98 -16.62
CA CYS B 12 -10.95 17.13 -15.78
C CYS B 12 -12.14 16.66 -16.61
N PRO B 13 -12.29 15.34 -16.79
CA PRO B 13 -13.44 14.86 -17.57
C PRO B 13 -14.74 15.29 -16.92
N ALA B 14 -15.84 15.07 -17.65
CA ALA B 14 -17.13 15.70 -17.36
C ALA B 14 -17.75 15.47 -15.98
N ASN B 15 -17.91 14.23 -15.59
CA ASN B 15 -18.59 13.91 -14.34
C ASN B 15 -17.62 13.51 -13.20
N CYS B 16 -16.44 14.12 -13.20
CA CYS B 16 -15.38 13.78 -12.27
C CYS B 16 -14.99 14.96 -11.40
N LEU B 17 -14.48 14.62 -10.24
CA LEU B 17 -13.77 15.53 -9.37
C LEU B 17 -12.32 15.18 -9.59
N CYS B 18 -11.52 16.17 -9.97
CA CYS B 18 -10.12 15.96 -10.20
C CYS B 18 -9.31 16.64 -9.08
N ALA B 19 -8.62 15.82 -8.29
CA ALA B 19 -7.77 16.28 -7.21
C ALA B 19 -6.34 15.84 -7.52
N SER B 20 -5.56 16.72 -8.15
CA SER B 20 -4.29 16.37 -8.81
C SER B 20 -4.39 15.01 -9.46
N ASN B 21 -3.68 14.01 -8.96
CA ASN B 21 -3.64 12.70 -9.61
C ASN B 21 -4.76 11.72 -9.22
N ILE B 22 -5.78 12.21 -8.50
CA ILE B 22 -6.96 11.41 -8.21
C ILE B 22 -8.22 11.88 -8.97
N LEU B 23 -8.86 10.98 -9.73
CA LEU B 23 -10.15 11.31 -10.35
C LEU B 23 -11.20 10.58 -9.56
N SER B 24 -12.14 11.31 -8.99
CA SER B 24 -13.28 10.70 -8.29
C SER B 24 -14.52 10.93 -9.17
N CYS B 25 -15.01 9.87 -9.82
CA CYS B 25 -16.16 9.98 -10.73
C CYS B 25 -17.29 9.00 -10.34
N SER B 26 -17.51 8.85 -9.03
CA SER B 26 -18.39 7.84 -8.50
C SER B 26 -19.79 8.36 -8.34
N LYS B 27 -20.74 7.43 -8.36
CA LYS B 27 -22.16 7.67 -8.09
C LYS B 27 -22.82 8.76 -8.95
N GLN B 28 -22.53 8.71 -10.25
CA GLN B 28 -23.03 9.64 -11.25
C GLN B 28 -23.88 8.91 -12.28
N GLN B 29 -24.36 7.72 -11.93
CA GLN B 29 -24.99 6.79 -12.87
C GLN B 29 -24.48 6.81 -14.32
N LEU B 30 -23.16 6.86 -14.50
CA LEU B 30 -22.54 6.84 -15.82
C LEU B 30 -22.73 5.48 -16.50
N PRO B 31 -23.19 5.48 -17.75
CA PRO B 31 -23.28 4.24 -18.50
C PRO B 31 -22.00 3.93 -19.28
N ASN B 32 -21.11 4.90 -19.42
CA ASN B 32 -19.83 4.70 -20.07
C ASN B 32 -18.75 5.41 -19.28
N VAL B 33 -17.49 5.07 -19.53
CA VAL B 33 -16.37 5.71 -18.84
C VAL B 33 -16.21 7.14 -19.37
N PRO B 34 -15.97 8.13 -18.49
CA PRO B 34 -15.63 9.48 -18.96
C PRO B 34 -14.57 9.55 -20.05
N GLN B 35 -14.84 10.36 -21.08
CA GLN B 35 -13.89 10.58 -22.19
C GLN B 35 -12.64 11.35 -21.77
N SER B 36 -11.54 11.09 -22.45
CA SER B 36 -10.31 11.87 -22.31
C SER B 36 -9.80 11.86 -20.87
N LEU B 37 -9.50 10.66 -20.40
CA LEU B 37 -8.92 10.46 -19.07
C LEU B 37 -7.47 10.92 -19.07
N PRO B 38 -7.09 11.83 -18.14
CA PRO B 38 -5.74 12.38 -18.19
C PRO B 38 -4.66 11.36 -17.86
N SER B 39 -3.51 11.49 -18.52
CA SER B 39 -2.44 10.51 -18.35
C SER B 39 -1.78 10.55 -16.97
N TYR B 40 -1.91 11.68 -16.27
CA TYR B 40 -1.40 11.81 -14.89
C TYR B 40 -2.18 11.00 -13.83
N THR B 41 -3.31 10.40 -14.20
CA THR B 41 -4.20 9.73 -13.22
C THR B 41 -3.52 8.56 -12.49
N ALA B 42 -3.54 8.63 -11.16
CA ALA B 42 -2.99 7.60 -10.27
C ALA B 42 -4.09 6.68 -9.72
N LEU B 43 -5.23 7.25 -9.32
CA LEU B 43 -6.40 6.49 -8.84
C LEU B 43 -7.61 6.97 -9.62
N LEU B 44 -8.37 6.02 -10.14
CA LEU B 44 -9.60 6.31 -10.86
C LEU B 44 -10.75 5.59 -10.17
N ASP B 45 -11.69 6.37 -9.64
CA ASP B 45 -12.86 5.81 -8.93
C ASP B 45 -14.12 5.99 -9.76
N LEU B 46 -14.59 4.89 -10.37
CA LEU B 46 -15.80 4.87 -11.19
C LEU B 46 -16.83 3.97 -10.54
N SER B 47 -16.72 3.81 -9.22
CA SER B 47 -17.62 2.96 -8.50
C SER B 47 -19.02 3.56 -8.43
N HIS B 48 -20.01 2.70 -8.18
CA HIS B 48 -21.42 3.06 -8.09
C HIS B 48 -21.90 3.79 -9.33
N ASN B 49 -21.65 3.20 -10.50
CA ASN B 49 -22.15 3.76 -11.77
C ASN B 49 -22.95 2.68 -12.50
N ASN B 50 -23.13 2.86 -13.81
CA ASN B 50 -23.93 1.93 -14.61
C ASN B 50 -23.16 1.26 -15.69
N LEU B 51 -21.86 1.15 -15.55
CA LEU B 51 -21.06 0.57 -16.60
C LEU B 51 -21.51 -0.87 -16.73
N SER B 52 -21.63 -1.35 -17.98
CA SER B 52 -22.02 -2.73 -18.28
C SER B 52 -20.92 -3.50 -19.00
N ARG B 53 -20.02 -2.79 -19.64
CA ARG B 53 -18.96 -3.39 -20.44
C ARG B 53 -17.70 -2.60 -20.20
N LEU B 54 -16.57 -3.28 -20.05
CA LEU B 54 -15.28 -2.60 -20.06
C LEU B 54 -14.66 -3.00 -21.39
N ARG B 55 -14.76 -2.11 -22.36
CA ARG B 55 -14.44 -2.38 -23.77
C ARG B 55 -12.97 -2.17 -24.02
N ALA B 56 -12.47 -2.77 -25.09
CA ALA B 56 -11.08 -2.63 -25.50
C ALA B 56 -10.53 -1.20 -25.41
N GLU B 57 -11.35 -0.22 -25.79
CA GLU B 57 -10.92 1.18 -25.82
C GLU B 57 -11.67 2.01 -24.79
N TRP B 58 -11.90 1.48 -23.59
CA TRP B 58 -12.45 2.33 -22.54
C TRP B 58 -11.55 3.58 -22.31
N THR B 59 -10.25 3.48 -22.59
CA THR B 59 -9.36 4.66 -22.54
C THR B 59 -8.35 4.63 -23.70
N PRO B 60 -8.62 5.39 -24.78
CA PRO B 60 -7.64 5.47 -25.85
C PRO B 60 -6.28 6.01 -25.39
N THR B 61 -6.27 6.84 -24.35
CA THR B 61 -5.05 7.55 -23.93
C THR B 61 -3.89 6.65 -23.50
N ARG B 62 -4.11 5.78 -22.51
CA ARG B 62 -3.05 4.96 -21.92
C ARG B 62 -2.66 5.57 -20.57
N LEU B 63 -2.89 4.82 -19.50
CA LEU B 63 -2.82 5.37 -18.17
C LEU B 63 -1.73 4.65 -17.40
N THR B 64 -0.49 4.92 -17.81
CA THR B 64 0.67 4.24 -17.25
C THR B 64 1.00 4.68 -15.84
N ASN B 65 0.35 5.74 -15.37
CA ASN B 65 0.50 6.16 -13.98
C ASN B 65 -0.61 5.59 -13.08
N LEU B 66 -1.55 4.82 -13.65
CA LEU B 66 -2.72 4.33 -12.87
C LEU B 66 -2.30 3.16 -11.98
N HIS B 67 -2.46 3.30 -10.66
CA HIS B 67 -2.20 2.19 -9.72
C HIS B 67 -3.45 1.55 -9.11
N SER B 68 -4.52 2.34 -9.02
CA SER B 68 -5.81 1.85 -8.54
C SER B 68 -6.97 2.15 -9.49
N LEU B 69 -7.77 1.12 -9.74
CA LEU B 69 -8.91 1.22 -10.63
C LEU B 69 -10.09 0.63 -9.87
N LEU B 70 -11.02 1.50 -9.49
CA LEU B 70 -12.13 1.13 -8.64
C LEU B 70 -13.37 1.11 -9.51
N LEU B 71 -13.92 -0.09 -9.73
CA LEU B 71 -15.09 -0.31 -10.59
C LEU B 71 -16.24 -1.03 -9.90
N SER B 72 -16.22 -1.08 -8.57
CA SER B 72 -17.25 -1.81 -7.83
C SER B 72 -18.61 -1.16 -7.98
N HIS B 73 -19.67 -1.94 -7.71
CA HIS B 73 -21.04 -1.44 -7.73
C HIS B 73 -21.41 -0.83 -9.08
N ASN B 74 -21.10 -1.58 -10.12
CA ASN B 74 -21.57 -1.25 -11.46
C ASN B 74 -22.41 -2.45 -11.92
N HIS B 75 -22.70 -2.55 -13.22
CA HIS B 75 -23.42 -3.71 -13.75
C HIS B 75 -22.57 -4.46 -14.75
N LEU B 76 -21.26 -4.53 -14.49
CA LEU B 76 -20.33 -5.08 -15.46
C LEU B 76 -20.63 -6.56 -15.70
N ASN B 77 -20.96 -6.92 -16.93
CA ASN B 77 -21.06 -8.33 -17.32
C ASN B 77 -20.09 -8.75 -18.43
N PHE B 78 -19.20 -7.84 -18.84
CA PHE B 78 -18.27 -8.13 -19.91
C PHE B 78 -16.98 -7.34 -19.76
N ILE B 79 -15.83 -8.00 -19.90
CA ILE B 79 -14.52 -7.34 -19.88
C ILE B 79 -13.75 -7.81 -21.07
N SER B 80 -13.25 -6.86 -21.86
CA SER B 80 -12.52 -7.18 -23.08
C SER B 80 -11.20 -7.90 -22.79
N SER B 81 -10.80 -8.76 -23.73
CA SER B 81 -9.52 -9.45 -23.65
C SER B 81 -8.33 -8.49 -23.83
N GLU B 82 -8.64 -7.22 -24.10
CA GLU B 82 -7.60 -6.19 -24.24
C GLU B 82 -7.82 -5.02 -23.28
N ALA B 83 -8.70 -5.18 -22.31
CA ALA B 83 -9.12 -4.07 -21.45
C ALA B 83 -7.99 -3.53 -20.58
N PHE B 84 -6.98 -4.36 -20.31
CA PHE B 84 -5.93 -4.00 -19.36
C PHE B 84 -4.60 -3.69 -20.04
N VAL B 85 -4.60 -3.66 -21.37
CA VAL B 85 -3.43 -3.18 -22.12
C VAL B 85 -3.00 -1.73 -21.78
N PRO B 86 -3.96 -0.79 -21.59
CA PRO B 86 -3.61 0.58 -21.26
C PRO B 86 -3.16 0.87 -19.82
N VAL B 87 -3.36 -0.08 -18.89
CA VAL B 87 -3.07 0.11 -17.46
C VAL B 87 -2.07 -0.92 -16.96
N PRO B 88 -0.87 -0.93 -17.57
CA PRO B 88 0.11 -1.98 -17.28
C PRO B 88 0.67 -2.02 -15.87
N ASN B 89 0.65 -0.87 -15.20
CA ASN B 89 1.24 -0.72 -13.87
C ASN B 89 0.23 -0.73 -12.71
N LEU B 90 -1.00 -1.14 -13.04
CA LEU B 90 -2.07 -1.26 -12.08
C LEU B 90 -1.66 -2.22 -10.96
N ARG B 91 -1.83 -1.78 -9.70
CA ARG B 91 -1.57 -2.59 -8.50
C ARG B 91 -2.83 -3.10 -7.79
N TYR B 92 -3.93 -2.35 -7.86
CA TYR B 92 -5.13 -2.63 -7.09
C TYR B 92 -6.34 -2.49 -8.03
N LEU B 93 -7.15 -3.54 -8.15
CA LEU B 93 -8.32 -3.54 -9.07
C LEU B 93 -9.54 -4.05 -8.32
N ASP B 94 -10.56 -3.20 -8.19
CA ASP B 94 -11.84 -3.59 -7.54
C ASP B 94 -12.96 -3.78 -8.58
N LEU B 95 -13.36 -5.05 -8.76
CA LEU B 95 -14.45 -5.47 -9.65
C LEU B 95 -15.57 -6.13 -8.86
N SER B 96 -15.59 -5.86 -7.56
CA SER B 96 -16.57 -6.43 -6.65
C SER B 96 -17.94 -5.79 -6.91
N SER B 97 -19.00 -6.52 -6.54
CA SER B 97 -20.38 -6.03 -6.64
C SER B 97 -20.73 -5.61 -8.07
N ASN B 98 -20.53 -6.55 -8.97
CA ASN B 98 -20.82 -6.38 -10.42
C ASN B 98 -21.61 -7.60 -10.92
N HIS B 99 -21.75 -7.78 -12.22
CA HIS B 99 -22.52 -8.91 -12.75
C HIS B 99 -21.61 -9.85 -13.53
N LEU B 100 -20.38 -10.05 -13.06
CA LEU B 100 -19.43 -10.88 -13.82
C LEU B 100 -19.76 -12.34 -13.62
N HIS B 101 -19.78 -13.07 -14.74
CA HIS B 101 -20.28 -14.45 -14.76
C HIS B 101 -19.20 -15.45 -15.11
N THR B 102 -18.24 -15.06 -15.91
CA THR B 102 -17.11 -15.94 -16.19
C THR B 102 -15.77 -15.22 -16.20
N LEU B 103 -14.74 -15.97 -15.83
CA LEU B 103 -13.36 -15.49 -15.79
C LEU B 103 -12.61 -16.18 -16.93
N ASP B 104 -12.60 -15.53 -18.09
CA ASP B 104 -12.08 -16.15 -19.31
C ASP B 104 -10.58 -16.32 -19.22
N GLU B 105 -10.04 -17.27 -19.99
CA GLU B 105 -8.59 -17.53 -19.94
C GLU B 105 -7.81 -16.30 -20.36
N PHE B 106 -6.71 -16.06 -19.64
CA PHE B 106 -5.85 -14.88 -19.79
C PHE B 106 -6.51 -13.52 -19.54
N LEU B 107 -7.68 -13.49 -18.91
CA LEU B 107 -8.42 -12.23 -18.71
C LEU B 107 -7.64 -11.17 -17.93
N PHE B 108 -6.82 -11.58 -16.96
CA PHE B 108 -6.06 -10.66 -16.12
C PHE B 108 -4.56 -10.72 -16.39
N SER B 109 -4.16 -11.48 -17.41
CA SER B 109 -2.76 -11.72 -17.70
C SER B 109 -1.96 -10.50 -18.16
N ASP B 110 -2.63 -9.44 -18.59
CA ASP B 110 -1.93 -8.18 -18.87
C ASP B 110 -1.57 -7.43 -17.56
N LEU B 111 -2.15 -7.85 -16.42
CA LEU B 111 -1.90 -7.15 -15.12
C LEU B 111 -0.78 -7.80 -14.34
N GLN B 112 0.44 -7.62 -14.85
CA GLN B 112 1.61 -8.29 -14.29
C GLN B 112 2.21 -7.63 -13.04
N ALA B 113 1.73 -6.44 -12.68
CA ALA B 113 2.12 -5.77 -11.45
C ALA B 113 1.00 -5.76 -10.42
N LEU B 114 -0.14 -6.37 -10.74
CA LEU B 114 -1.31 -6.32 -9.86
C LEU B 114 -1.03 -7.06 -8.56
N GLU B 115 -1.36 -6.42 -7.44
CA GLU B 115 -1.15 -7.02 -6.15
C GLU B 115 -2.46 -7.50 -5.50
N VAL B 116 -3.56 -6.77 -5.69
CA VAL B 116 -4.86 -7.10 -5.06
C VAL B 116 -5.97 -7.11 -6.15
N LEU B 117 -6.75 -8.18 -6.22
CA LEU B 117 -7.87 -8.30 -7.14
C LEU B 117 -9.14 -8.66 -6.39
N LEU B 118 -10.12 -7.77 -6.46
CA LEU B 118 -11.39 -7.93 -5.76
C LEU B 118 -12.46 -8.33 -6.76
N LEU B 119 -13.07 -9.49 -6.55
CA LEU B 119 -14.10 -10.03 -7.45
C LEU B 119 -15.27 -10.56 -6.65
N TYR B 120 -15.36 -10.14 -5.40
CA TYR B 120 -16.41 -10.67 -4.52
C TYR B 120 -17.77 -10.08 -4.90
N ASN B 121 -18.82 -10.78 -4.56
CA ASN B 121 -20.18 -10.37 -4.86
C ASN B 121 -20.41 -10.15 -6.36
N ASN B 122 -20.15 -11.19 -7.13
CA ASN B 122 -20.45 -11.26 -8.57
C ASN B 122 -21.30 -12.51 -8.88
N HIS B 123 -21.36 -12.95 -10.13
CA HIS B 123 -22.09 -14.17 -10.46
C HIS B 123 -21.15 -15.26 -10.97
N ILE B 124 -19.97 -15.38 -10.38
CA ILE B 124 -18.97 -16.29 -10.88
C ILE B 124 -19.29 -17.72 -10.45
N VAL B 125 -19.31 -18.61 -11.42
CA VAL B 125 -19.65 -20.00 -11.18
C VAL B 125 -18.40 -20.88 -11.26
N VAL B 126 -17.49 -20.54 -12.16
CA VAL B 126 -16.34 -21.39 -12.45
C VAL B 126 -15.11 -20.53 -12.59
N VAL B 127 -14.05 -20.92 -11.86
CA VAL B 127 -12.76 -20.20 -11.88
C VAL B 127 -11.77 -20.93 -12.79
N ASP B 128 -11.41 -20.33 -13.92
CA ASP B 128 -10.41 -20.92 -14.83
C ASP B 128 -9.04 -20.48 -14.37
N ARG B 129 -8.17 -21.43 -14.04
CA ARG B 129 -6.77 -21.10 -13.66
C ARG B 129 -6.05 -20.15 -14.62
N ASN B 130 -6.38 -20.24 -15.90
CA ASN B 130 -5.71 -19.42 -16.90
C ASN B 130 -6.15 -17.96 -16.90
N ALA B 131 -7.27 -17.62 -16.24
CA ALA B 131 -7.64 -16.20 -16.10
C ALA B 131 -6.54 -15.39 -15.40
N PHE B 132 -5.80 -16.05 -14.53
CA PHE B 132 -4.76 -15.41 -13.72
C PHE B 132 -3.33 -15.79 -14.11
N GLU B 133 -3.19 -16.37 -15.29
CA GLU B 133 -1.88 -16.74 -15.79
C GLU B 133 -0.96 -15.51 -15.85
N ASP B 134 0.26 -15.71 -15.33
CA ASP B 134 1.38 -14.75 -15.37
C ASP B 134 1.27 -13.57 -14.40
N MET B 135 0.32 -13.62 -13.50
CA MET B 135 0.18 -12.57 -12.50
C MET B 135 1.20 -12.83 -11.40
N ALA B 136 2.46 -12.47 -11.68
CA ALA B 136 3.56 -12.84 -10.77
C ALA B 136 3.50 -12.09 -9.44
N GLN B 137 2.79 -10.98 -9.38
CA GLN B 137 2.79 -10.14 -8.19
C GLN B 137 1.50 -10.21 -7.40
N LEU B 138 0.55 -11.07 -7.78
CA LEU B 138 -0.78 -11.10 -7.17
C LEU B 138 -0.69 -11.72 -5.80
N GLN B 139 -1.02 -10.91 -4.78
CA GLN B 139 -0.93 -11.31 -3.38
C GLN B 139 -2.29 -11.69 -2.73
N LYS B 140 -3.35 -11.02 -3.15
CA LYS B 140 -4.69 -11.20 -2.52
C LYS B 140 -5.78 -11.32 -3.60
N LEU B 141 -6.54 -12.40 -3.58
CA LEU B 141 -7.66 -12.59 -4.49
C LEU B 141 -8.96 -12.88 -3.73
N TYR B 142 -9.90 -11.95 -3.83
CA TYR B 142 -11.17 -12.02 -3.08
C TYR B 142 -12.29 -12.45 -4.04
N LEU B 143 -12.86 -13.61 -3.76
CA LEU B 143 -13.86 -14.27 -4.60
C LEU B 143 -15.08 -14.67 -3.80
N SER B 144 -15.25 -14.09 -2.62
CA SER B 144 -16.39 -14.42 -1.76
C SER B 144 -17.69 -13.94 -2.39
N GLN B 145 -18.80 -14.49 -1.92
CA GLN B 145 -20.15 -14.20 -2.45
C GLN B 145 -20.20 -14.35 -3.96
N ASN B 146 -19.77 -15.51 -4.44
CA ASN B 146 -20.05 -15.95 -5.81
C ASN B 146 -20.81 -17.29 -5.76
N GLN B 147 -20.90 -18.04 -6.87
CA GLN B 147 -21.59 -19.33 -6.84
C GLN B 147 -20.62 -20.46 -7.22
N ILE B 148 -19.40 -20.37 -6.69
CA ILE B 148 -18.33 -21.30 -7.02
C ILE B 148 -18.51 -22.62 -6.29
N SER B 149 -18.51 -23.74 -7.04
CA SER B 149 -18.73 -25.09 -6.50
C SER B 149 -17.48 -25.99 -6.53
N ARG B 150 -16.52 -25.69 -7.44
CA ARG B 150 -15.22 -26.36 -7.46
C ARG B 150 -14.09 -25.51 -6.90
N PHE B 151 -13.40 -26.04 -5.88
CA PHE B 151 -12.23 -25.37 -5.34
C PHE B 151 -11.15 -25.29 -6.41
N PRO B 152 -10.70 -24.06 -6.74
CA PRO B 152 -9.61 -23.86 -7.72
C PRO B 152 -8.21 -24.19 -7.19
N VAL B 153 -7.93 -25.47 -7.00
CA VAL B 153 -6.70 -25.89 -6.34
C VAL B 153 -5.46 -25.50 -7.13
N GLU B 154 -5.61 -25.28 -8.44
CA GLU B 154 -4.48 -24.92 -9.30
C GLU B 154 -3.91 -23.53 -9.00
N LEU B 155 -4.69 -22.68 -8.35
CA LEU B 155 -4.17 -21.36 -7.94
C LEU B 155 -3.00 -21.48 -6.95
N ILE B 156 -3.05 -22.52 -6.10
CA ILE B 156 -2.14 -22.63 -4.97
C ILE B 156 -1.30 -23.92 -4.91
N LYS B 157 -1.63 -24.92 -5.70
CA LYS B 157 -0.90 -26.20 -5.71
C LYS B 157 0.47 -26.07 -6.38
N ASP B 158 1.51 -26.53 -5.69
CA ASP B 158 2.87 -26.56 -6.22
C ASP B 158 2.87 -27.17 -7.61
N GLY B 159 3.47 -26.48 -8.56
CA GLY B 159 3.48 -26.94 -9.94
C GLY B 159 3.10 -25.82 -10.89
N ASN B 160 1.96 -25.21 -10.60
CA ASN B 160 1.39 -24.19 -11.47
C ASN B 160 0.73 -23.08 -10.62
N LYS B 161 1.36 -22.76 -9.50
CA LYS B 161 0.80 -21.84 -8.51
C LYS B 161 1.09 -20.39 -8.87
N LEU B 162 0.22 -19.49 -8.40
CA LEU B 162 0.53 -18.07 -8.37
C LEU B 162 1.49 -17.90 -7.19
N PRO B 163 2.74 -17.50 -7.46
CA PRO B 163 3.83 -17.58 -6.51
C PRO B 163 3.70 -16.68 -5.29
N LYS B 164 3.02 -15.55 -5.40
CA LYS B 164 2.92 -14.64 -4.27
C LYS B 164 1.54 -14.63 -3.63
N LEU B 165 0.66 -15.54 -4.06
CA LEU B 165 -0.70 -15.53 -3.56
C LEU B 165 -0.77 -15.99 -2.10
N MET B 166 -1.12 -15.07 -1.22
CA MET B 166 -1.10 -15.30 0.22
C MET B 166 -2.49 -15.11 0.87
N LEU B 167 -3.46 -14.62 0.09
CA LEU B 167 -4.86 -14.50 0.55
C LEU B 167 -5.77 -14.89 -0.61
N LEU B 168 -6.56 -15.94 -0.40
CA LEU B 168 -7.54 -16.42 -1.35
C LEU B 168 -8.85 -16.62 -0.58
N ASP B 169 -9.80 -15.71 -0.80
CA ASP B 169 -11.06 -15.71 -0.07
C ASP B 169 -12.13 -16.38 -0.92
N LEU B 170 -12.50 -17.59 -0.54
CA LEU B 170 -13.54 -18.35 -1.21
C LEU B 170 -14.75 -18.54 -0.29
N SER B 171 -14.90 -17.65 0.68
CA SER B 171 -16.00 -17.76 1.63
C SER B 171 -17.32 -17.43 0.93
N SER B 172 -18.42 -17.92 1.49
CA SER B 172 -19.75 -17.62 0.98
C SER B 172 -19.85 -17.97 -0.49
N ASN B 173 -19.47 -19.20 -0.82
CA ASN B 173 -19.65 -19.78 -2.16
C ASN B 173 -20.48 -21.06 -2.07
N LYS B 174 -20.28 -22.00 -2.99
CA LYS B 174 -21.04 -23.23 -3.01
C LYS B 174 -20.14 -24.47 -2.85
N LEU B 175 -19.04 -24.32 -2.10
CA LEU B 175 -18.03 -25.40 -1.98
C LEU B 175 -18.54 -26.56 -1.12
N LYS B 176 -18.49 -27.76 -1.67
CA LYS B 176 -18.95 -28.93 -0.93
C LYS B 176 -17.80 -29.84 -0.62
N LYS B 177 -16.82 -29.89 -1.51
CA LYS B 177 -15.67 -30.78 -1.42
C LYS B 177 -14.37 -30.00 -1.47
N LEU B 178 -13.39 -30.40 -0.70
CA LEU B 178 -12.07 -29.79 -0.80
C LEU B 178 -11.03 -30.84 -1.11
N PRO B 179 -9.94 -30.42 -1.77
CA PRO B 179 -8.81 -31.29 -1.98
C PRO B 179 -7.93 -31.27 -0.73
N LEU B 180 -8.31 -32.06 0.26
CA LEU B 180 -7.71 -32.00 1.59
C LEU B 180 -6.24 -32.38 1.63
N THR B 181 -5.85 -33.43 0.90
CA THR B 181 -4.46 -33.85 0.84
C THR B 181 -3.57 -32.78 0.21
N ASP B 182 -4.13 -32.05 -0.75
CA ASP B 182 -3.40 -30.95 -1.37
C ASP B 182 -3.27 -29.77 -0.42
N LEU B 183 -4.35 -29.48 0.29
CA LEU B 183 -4.35 -28.36 1.23
C LEU B 183 -3.40 -28.56 2.40
N GLN B 184 -3.28 -29.80 2.89
CA GLN B 184 -2.38 -30.15 3.99
C GLN B 184 -0.91 -29.90 3.64
N LYS B 185 -0.55 -30.07 2.37
CA LYS B 185 0.81 -29.88 1.91
C LYS B 185 1.23 -28.43 1.77
N LEU B 186 0.27 -27.51 1.80
CA LEU B 186 0.57 -26.09 1.58
C LEU B 186 1.39 -25.56 2.75
N PRO B 187 2.22 -24.55 2.49
CA PRO B 187 2.88 -23.86 3.59
C PRO B 187 1.85 -23.05 4.40
N ALA B 188 2.05 -23.00 5.70
CA ALA B 188 1.14 -22.34 6.63
C ALA B 188 0.88 -20.89 6.28
N TRP B 189 1.84 -20.21 5.63
CA TRP B 189 1.61 -18.84 5.16
C TRP B 189 0.57 -18.71 4.06
N VAL B 190 0.35 -19.78 3.30
CA VAL B 190 -0.75 -19.82 2.36
C VAL B 190 -2.04 -20.16 3.12
N LYS B 191 -1.98 -21.17 3.98
CA LYS B 191 -3.17 -21.61 4.72
C LYS B 191 -3.70 -20.46 5.57
N ASN B 192 -2.80 -19.63 6.08
CA ASN B 192 -3.17 -18.51 6.94
C ASN B 192 -4.20 -17.55 6.30
N GLY B 193 -4.14 -17.42 4.97
CA GLY B 193 -5.09 -16.58 4.22
C GLY B 193 -6.03 -17.32 3.28
N LEU B 194 -6.28 -18.59 3.52
CA LEU B 194 -7.20 -19.37 2.72
C LEU B 194 -8.53 -19.46 3.45
N TYR B 195 -9.49 -18.65 3.01
CA TYR B 195 -10.76 -18.49 3.71
C TYR B 195 -11.84 -19.37 3.06
N LEU B 196 -12.40 -20.29 3.83
CA LEU B 196 -13.32 -21.29 3.34
C LEU B 196 -14.63 -21.31 4.13
N HIS B 197 -14.85 -20.31 4.97
CA HIS B 197 -15.99 -20.29 5.88
C HIS B 197 -17.27 -19.95 5.10
N ASN B 198 -18.39 -20.32 5.69
CA ASN B 198 -19.70 -20.07 5.11
C ASN B 198 -19.89 -20.74 3.74
N ASN B 199 -19.47 -21.99 3.67
CA ASN B 199 -19.69 -22.86 2.54
C ASN B 199 -20.30 -24.14 3.08
N PRO B 200 -21.12 -24.80 2.26
CA PRO B 200 -21.76 -26.07 2.62
C PRO B 200 -20.83 -27.28 2.43
N LEU B 201 -19.69 -27.28 3.10
CA LEU B 201 -18.69 -28.34 2.98
C LEU B 201 -19.27 -29.62 3.57
N GLU B 202 -19.04 -30.77 2.93
CA GLU B 202 -19.49 -32.05 3.49
C GLU B 202 -18.71 -32.36 4.77
N CYS B 203 -19.41 -32.72 5.84
CA CYS B 203 -18.75 -33.13 7.07
C CYS B 203 -18.06 -34.48 6.87
N ASP B 204 -16.77 -34.53 7.20
CA ASP B 204 -16.06 -35.78 7.41
C ASP B 204 -14.85 -35.53 8.31
N CYS B 205 -14.28 -36.60 8.85
CA CYS B 205 -13.22 -36.46 9.87
C CYS B 205 -11.90 -35.87 9.32
N LYS B 206 -11.60 -36.15 8.05
CA LYS B 206 -10.42 -35.57 7.43
C LYS B 206 -10.57 -34.05 7.34
N LEU B 207 -11.80 -33.57 7.08
CA LEU B 207 -12.08 -32.15 7.12
C LEU B 207 -11.82 -31.58 8.50
N TYR B 208 -12.28 -32.27 9.54
CA TYR B 208 -12.10 -31.82 10.90
C TYR B 208 -10.61 -31.73 11.28
N GLN B 209 -9.87 -32.73 10.87
CA GLN B 209 -8.45 -32.85 11.18
C GLN B 209 -7.62 -31.76 10.55
N LEU B 210 -8.00 -31.33 9.35
CA LEU B 210 -7.36 -30.20 8.69
C LEU B 210 -7.57 -28.92 9.50
N PHE B 211 -8.82 -28.57 9.75
CA PHE B 211 -9.14 -27.34 10.43
C PHE B 211 -8.68 -27.36 11.91
N SER B 212 -8.66 -28.56 12.50
CA SER B 212 -8.16 -28.73 13.86
C SER B 212 -6.68 -28.35 13.93
N HIS B 213 -5.89 -28.81 12.98
CA HIS B 213 -4.52 -28.38 12.88
C HIS B 213 -4.41 -26.86 12.72
N TRP B 214 -5.16 -26.29 11.76
CA TRP B 214 -5.10 -24.86 11.50
C TRP B 214 -5.46 -24.04 12.73
N GLN B 215 -6.42 -24.55 13.51
CA GLN B 215 -6.81 -23.92 14.77
C GLN B 215 -5.70 -23.96 15.84
N TYR B 216 -5.07 -25.13 16.00
CA TYR B 216 -3.94 -25.27 16.91
C TYR B 216 -2.81 -24.29 16.52
N ARG B 217 -2.61 -24.09 15.22
CA ARG B 217 -1.61 -23.17 14.70
C ARG B 217 -2.02 -21.70 14.79
N GLN B 218 -3.26 -21.45 15.23
CA GLN B 218 -3.79 -20.11 15.34
C GLN B 218 -3.73 -19.32 14.04
N LEU B 219 -4.02 -20.00 12.93
CA LEU B 219 -4.10 -19.36 11.63
C LEU B 219 -5.35 -18.46 11.60
N SER B 220 -5.17 -17.26 11.03
CA SER B 220 -6.23 -16.25 11.01
C SER B 220 -7.46 -16.69 10.29
N SER B 221 -7.26 -17.46 9.22
CA SER B 221 -8.36 -18.00 8.42
C SER B 221 -9.34 -18.81 9.29
N VAL B 222 -8.82 -19.44 10.36
CA VAL B 222 -9.67 -20.13 11.34
C VAL B 222 -10.03 -19.25 12.54
N MET B 223 -9.03 -18.65 13.19
CA MET B 223 -9.28 -17.84 14.38
C MET B 223 -10.30 -16.70 14.14
N ASP B 224 -10.24 -16.03 12.99
CA ASP B 224 -11.16 -14.92 12.75
C ASP B 224 -12.62 -15.35 12.46
N PHE B 225 -12.82 -16.61 12.11
CA PHE B 225 -14.09 -17.09 11.54
C PHE B 225 -14.55 -18.44 12.04
N GLN B 226 -14.11 -18.83 13.23
CA GLN B 226 -14.44 -20.16 13.77
C GLN B 226 -15.96 -20.46 13.73
N GLU B 227 -16.77 -19.45 14.05
CA GLU B 227 -18.21 -19.58 14.12
C GLU B 227 -18.86 -19.73 12.71
N ASP B 228 -18.14 -19.42 11.64
CA ASP B 228 -18.71 -19.58 10.28
C ASP B 228 -18.14 -20.76 9.48
N LEU B 229 -17.27 -21.53 10.12
CA LEU B 229 -16.69 -22.73 9.54
C LEU B 229 -17.60 -23.90 9.82
N TYR B 230 -18.47 -24.18 8.86
CA TYR B 230 -19.50 -25.17 9.06
C TYR B 230 -19.44 -26.19 7.95
N CYS B 231 -20.06 -27.33 8.19
CA CYS B 231 -20.13 -28.40 7.23
C CYS B 231 -21.55 -28.98 7.26
N MET B 232 -21.94 -29.66 6.19
CA MET B 232 -23.35 -30.09 6.04
C MET B 232 -23.67 -31.53 6.45
N HIS B 233 -23.03 -32.54 5.87
CA HIS B 233 -23.50 -33.94 6.09
C HIS B 233 -24.39 -34.08 7.35
N SER B 234 -25.74 -34.09 7.24
CA SER B 234 -26.51 -34.46 6.03
C SER B 234 -27.19 -33.27 5.33
N LYS B 235 -28.38 -32.90 5.82
CA LYS B 235 -29.02 -31.65 5.43
C LYS B 235 -29.11 -30.67 6.60
N LYS B 236 -28.35 -30.96 7.67
CA LYS B 236 -28.26 -30.08 8.85
C LYS B 236 -26.84 -29.52 8.98
N LEU B 237 -26.74 -28.25 9.38
CA LEU B 237 -25.45 -27.58 9.49
C LEU B 237 -24.81 -27.85 10.85
N HIS B 238 -23.52 -28.18 10.84
CA HIS B 238 -22.74 -28.33 12.05
C HIS B 238 -21.51 -27.44 11.97
N ASN B 239 -21.08 -26.94 13.12
CA ASN B 239 -19.80 -26.26 13.19
C ASN B 239 -18.69 -27.30 13.08
N ILE B 240 -17.76 -27.09 12.17
CA ILE B 240 -16.68 -28.05 11.91
C ILE B 240 -16.02 -28.49 13.23
N PHE B 241 -15.81 -27.53 14.12
CA PHE B 241 -15.15 -27.80 15.40
C PHE B 241 -16.00 -28.57 16.41
N SER B 242 -17.22 -28.95 16.03
CA SER B 242 -17.99 -29.87 16.86
C SER B 242 -17.68 -31.36 16.49
N LEU B 243 -16.99 -31.60 15.37
CA LEU B 243 -16.73 -32.98 14.91
C LEU B 243 -15.89 -33.86 15.84
N ASP B 244 -15.20 -33.28 16.81
CA ASP B 244 -14.49 -34.08 17.82
C ASP B 244 -15.50 -34.81 18.69
N PHE B 245 -16.59 -34.12 19.01
CA PHE B 245 -17.67 -34.75 19.72
C PHE B 245 -18.19 -35.96 18.94
N PHE B 246 -18.21 -35.89 17.61
CA PHE B 246 -18.74 -36.99 16.81
C PHE B 246 -17.70 -38.09 16.55
N ASN B 247 -16.61 -38.09 17.34
CA ASN B 247 -15.62 -39.17 17.43
C ASN B 247 -14.52 -39.12 16.37
N CYS B 248 -14.38 -37.97 15.72
CA CYS B 248 -13.26 -37.75 14.84
C CYS B 248 -11.96 -37.56 15.62
N SER B 249 -10.91 -38.24 15.17
CA SER B 249 -9.59 -38.17 15.77
C SER B 249 -9.02 -36.76 15.58
N GLU B 250 -8.35 -36.26 16.62
CA GLU B 250 -7.79 -34.91 16.58
C GLU B 250 -6.62 -34.91 15.60
N TYR B 251 -5.91 -33.80 15.47
CA TYR B 251 -4.83 -33.73 14.47
C TYR B 251 -3.55 -34.44 15.00
N LYS B 252 -3.09 -35.42 14.22
CA LYS B 252 -1.97 -36.28 14.60
C LYS B 252 -0.61 -35.68 14.21
N GLU B 253 0.16 -35.32 15.23
CA GLU B 253 1.56 -34.93 15.04
C GLU B 253 2.41 -36.12 15.56
N SER B 254 3.54 -36.24 15.08
CA SER B 254 4.34 -35.53 14.09
C SER B 254 5.77 -36.08 14.06
N ALA B 255 6.17 -36.76 13.05
CA ALA B 255 7.30 -37.71 13.05
C ALA B 255 8.47 -37.23 13.91
N TRP B 256 9.54 -36.71 13.31
CA TRP B 256 10.07 -37.16 12.02
C TRP B 256 11.12 -38.24 12.20
N GLU B 257 11.18 -39.20 11.34
CA GLU B 257 12.08 -40.34 11.51
C GLU B 257 13.08 -40.35 10.36
N ALA B 258 14.35 -40.52 10.69
CA ALA B 258 15.42 -40.55 9.70
C ALA B 258 16.32 -41.77 9.91
N HIS B 259 16.99 -42.19 8.84
CA HIS B 259 18.02 -43.19 8.95
C HIS B 259 19.37 -42.51 8.93
N LEU B 260 20.31 -43.18 9.56
CA LEU B 260 21.70 -42.78 9.55
C LEU B 260 22.17 -42.45 8.12
N GLY B 261 22.82 -41.31 7.93
CA GLY B 261 23.33 -40.89 6.62
C GLY B 261 22.32 -40.16 5.74
N ASP B 262 21.06 -40.09 6.17
CA ASP B 262 20.06 -39.37 5.38
C ASP B 262 20.43 -37.90 5.24
N THR B 263 19.93 -37.30 4.18
CA THR B 263 20.01 -35.86 3.99
C THR B 263 18.58 -35.36 4.11
N LEU B 264 18.37 -34.36 4.97
CA LEU B 264 17.04 -33.97 5.43
C LEU B 264 16.95 -32.45 5.53
N THR B 265 15.87 -31.87 5.01
CA THR B 265 15.56 -30.45 5.21
C THR B 265 14.23 -30.32 5.96
N ILE B 266 14.23 -29.57 7.05
CA ILE B 266 13.01 -29.28 7.81
C ILE B 266 12.69 -27.78 7.83
N ARG B 267 11.54 -27.43 7.27
CA ARG B 267 11.06 -26.05 7.23
C ARG B 267 10.58 -25.57 8.60
N CYS B 268 10.81 -24.29 8.87
CA CYS B 268 10.15 -23.60 9.97
C CYS B 268 8.91 -22.99 9.34
N ASP B 269 7.77 -23.67 9.53
CA ASP B 269 6.55 -23.46 8.73
C ASP B 269 5.71 -22.35 9.33
N THR B 270 6.20 -21.12 9.19
CA THR B 270 5.57 -19.96 9.83
C THR B 270 4.36 -19.46 9.06
N LYS B 271 3.45 -18.77 9.73
CA LYS B 271 2.20 -18.36 9.10
C LYS B 271 2.26 -17.03 8.32
N GLN B 272 3.38 -16.34 8.41
CA GLN B 272 3.66 -15.12 7.65
C GLN B 272 5.04 -15.23 7.03
N GLN B 273 5.20 -14.75 5.81
CA GLN B 273 6.53 -14.71 5.20
C GLN B 273 7.35 -13.56 5.78
N GLY B 274 8.66 -13.68 5.60
CA GLY B 274 9.58 -12.61 5.94
C GLY B 274 9.96 -12.51 7.39
N MET B 275 9.62 -13.52 8.18
CA MET B 275 9.97 -13.55 9.60
C MET B 275 11.44 -13.98 9.75
N THR B 276 12.05 -13.54 10.85
CA THR B 276 13.41 -13.94 11.21
C THR B 276 13.24 -15.24 11.90
N LYS B 277 14.02 -16.23 11.48
CA LYS B 277 13.94 -17.58 12.02
C LYS B 277 15.20 -17.85 12.77
N VAL B 278 15.08 -18.33 14.00
CA VAL B 278 16.21 -18.74 14.83
C VAL B 278 15.94 -20.15 15.31
N TRP B 279 16.83 -21.06 14.95
CA TRP B 279 16.72 -22.46 15.35
C TRP B 279 17.66 -22.76 16.51
N VAL B 280 17.16 -23.55 17.45
CA VAL B 280 17.86 -23.99 18.64
C VAL B 280 17.78 -25.51 18.67
N SER B 281 18.84 -26.16 19.17
CA SER B 281 19.02 -27.61 19.10
C SER B 281 18.55 -28.32 20.36
N PRO B 282 18.43 -29.65 20.33
CA PRO B 282 18.01 -30.39 21.51
C PRO B 282 18.88 -30.11 22.74
N SER B 283 20.14 -29.77 22.50
CA SER B 283 21.06 -29.37 23.56
C SER B 283 20.91 -27.89 23.94
N ASN B 284 19.88 -27.23 23.41
CA ASN B 284 19.61 -25.81 23.69
C ASN B 284 20.69 -24.84 23.19
N GLU B 285 21.35 -25.18 22.08
CA GLU B 285 22.36 -24.31 21.44
C GLU B 285 21.83 -23.80 20.09
N GLN B 286 22.17 -22.58 19.71
CA GLN B 286 21.75 -22.09 18.40
C GLN B 286 22.45 -22.87 17.28
N VAL B 287 21.66 -23.24 16.27
CA VAL B 287 22.14 -24.08 15.17
C VAL B 287 23.21 -23.38 14.33
N LEU B 288 22.84 -22.35 13.59
CA LEU B 288 23.85 -21.52 12.86
C LEU B 288 24.38 -22.12 11.55
N SER B 289 25.06 -21.24 10.80
CA SER B 289 26.02 -21.63 9.74
C SER B 289 25.41 -22.14 8.45
N GLN B 290 26.29 -22.55 7.54
CA GLN B 290 25.89 -23.24 6.31
C GLN B 290 27.05 -24.05 5.66
N GLY B 291 28.10 -24.36 6.44
CA GLY B 291 29.35 -24.94 5.92
C GLY B 291 29.15 -26.24 5.08
N SER B 292 28.71 -27.34 5.68
CA SER B 292 28.39 -27.44 7.11
C SER B 292 28.24 -28.89 7.54
N ASN B 293 29.37 -29.58 7.75
CA ASN B 293 29.36 -30.89 8.41
C ASN B 293 28.41 -30.76 9.63
N GLY B 294 27.20 -31.32 9.58
CA GLY B 294 26.77 -32.34 8.62
C GLY B 294 25.27 -32.72 8.65
N SER B 295 24.57 -32.83 9.78
CA SER B 295 24.92 -32.28 11.10
C SER B 295 24.59 -30.77 11.13
N VAL B 296 23.46 -30.48 11.78
CA VAL B 296 22.76 -29.19 11.76
C VAL B 296 23.42 -27.98 11.05
N SER B 297 22.83 -27.60 9.92
CA SER B 297 23.05 -26.29 9.31
C SER B 297 21.68 -25.59 9.13
N VAL B 298 21.67 -24.27 9.00
CA VAL B 298 20.45 -23.54 8.66
C VAL B 298 20.65 -22.95 7.27
N ARG B 299 19.76 -23.27 6.35
CA ARG B 299 19.89 -22.81 4.98
C ARG B 299 18.57 -22.19 4.52
N ASN B 300 18.63 -20.95 4.03
CA ASN B 300 17.47 -20.10 3.85
C ASN B 300 16.96 -19.82 5.27
N GLY B 301 15.85 -20.39 5.68
CA GLY B 301 15.53 -20.43 7.11
C GLY B 301 15.21 -21.84 7.59
N ASP B 302 15.64 -22.82 6.79
CA ASP B 302 15.31 -24.22 6.99
C ASP B 302 16.42 -24.96 7.72
N LEU B 303 16.05 -25.90 8.56
CA LEU B 303 17.00 -26.79 9.23
C LEU B 303 17.53 -27.82 8.20
N PHE B 304 18.85 -27.95 8.09
CA PHE B 304 19.46 -28.86 7.09
C PHE B 304 20.43 -29.88 7.72
N PHE B 305 20.16 -31.16 7.46
CA PHE B 305 21.05 -32.27 7.81
C PHE B 305 21.61 -32.86 6.51
N LYS B 306 22.90 -32.67 6.24
CA LYS B 306 23.58 -33.26 5.07
C LYS B 306 23.76 -34.76 5.21
N LYS B 307 24.19 -35.22 6.38
CA LYS B 307 24.25 -36.66 6.70
C LYS B 307 23.85 -36.90 8.15
N VAL B 308 22.59 -37.26 8.38
CA VAL B 308 22.09 -37.47 9.75
C VAL B 308 22.94 -38.47 10.56
N GLN B 309 23.29 -38.10 11.79
CA GLN B 309 23.95 -38.99 12.78
C GLN B 309 22.98 -39.29 13.90
N VAL B 310 23.22 -40.34 14.69
CA VAL B 310 22.33 -40.66 15.80
C VAL B 310 22.33 -39.57 16.89
N GLU B 311 23.46 -38.85 17.01
CA GLU B 311 23.60 -37.74 17.95
C GLU B 311 22.70 -36.54 17.56
N ASP B 312 22.25 -36.50 16.31
CA ASP B 312 21.44 -35.42 15.80
C ASP B 312 19.98 -35.49 16.26
N GLY B 313 19.56 -36.61 16.85
CA GLY B 313 18.17 -36.75 17.29
C GLY B 313 17.73 -35.83 18.41
N GLY B 314 16.43 -35.61 18.49
CA GLY B 314 15.87 -34.73 19.53
C GLY B 314 14.91 -33.70 18.97
N VAL B 315 14.46 -32.81 19.86
CA VAL B 315 13.57 -31.72 19.50
C VAL B 315 14.34 -30.44 19.17
N TYR B 316 14.13 -29.96 17.95
CA TYR B 316 14.65 -28.68 17.51
C TYR B 316 13.47 -27.67 17.57
N THR B 317 13.78 -26.45 17.94
CA THR B 317 12.79 -25.39 18.05
C THR B 317 13.16 -24.22 17.15
N CYS B 318 12.20 -23.78 16.36
CA CYS B 318 12.32 -22.57 15.57
C CYS B 318 11.54 -21.46 16.25
N TYR B 319 12.26 -20.41 16.64
CA TYR B 319 11.66 -19.16 17.11
C TYR B 319 11.57 -18.20 15.95
N ALA B 320 10.35 -17.86 15.58
CA ALA B 320 10.11 -16.96 14.47
C ALA B 320 9.68 -15.60 15.00
N MET B 321 10.32 -14.54 14.50
CA MET B 321 10.05 -13.20 14.97
C MET B 321 9.51 -12.30 13.86
N GLY B 322 8.30 -11.77 14.07
CA GLY B 322 7.69 -10.80 13.16
C GLY B 322 7.41 -9.49 13.87
N GLU B 323 6.93 -8.54 13.09
CA GLU B 323 6.64 -7.19 13.55
C GLU B 323 5.49 -7.20 14.56
N THR B 324 4.36 -7.80 14.18
CA THR B 324 3.17 -7.86 15.01
C THR B 324 3.11 -9.06 15.95
N PHE B 325 3.74 -10.20 15.60
CA PHE B 325 3.68 -11.42 16.44
C PHE B 325 4.93 -12.30 16.37
N ASN B 326 5.01 -13.27 17.28
CA ASN B 326 6.03 -14.30 17.26
C ASN B 326 5.38 -15.69 17.28
N GLU B 327 6.08 -16.68 16.70
CA GLU B 327 5.69 -18.10 16.80
C GLU B 327 6.85 -18.97 17.24
N THR B 328 6.54 -20.03 17.99
CA THR B 328 7.50 -21.06 18.35
C THR B 328 7.04 -22.38 17.77
N LEU B 329 7.85 -22.94 16.88
CA LEU B 329 7.53 -24.19 16.20
C LEU B 329 8.59 -25.22 16.54
N SER B 330 8.14 -26.38 17.02
CA SER B 330 9.01 -27.47 17.43
C SER B 330 8.90 -28.62 16.43
N VAL B 331 10.01 -29.30 16.18
CA VAL B 331 10.04 -30.52 15.36
C VAL B 331 10.90 -31.53 16.10
N GLU B 332 10.41 -32.78 16.23
CA GLU B 332 11.17 -33.87 16.86
C GLU B 332 11.75 -34.75 15.77
N LEU B 333 13.04 -35.06 15.89
CA LEU B 333 13.74 -35.90 14.95
C LEU B 333 14.10 -37.17 15.69
N LYS B 334 13.77 -38.31 15.09
CA LYS B 334 14.19 -39.61 15.62
C LYS B 334 15.11 -40.24 14.59
N VAL B 335 16.25 -40.73 15.04
CA VAL B 335 17.24 -41.30 14.12
C VAL B 335 17.48 -42.80 14.37
N TYR B 336 17.22 -43.62 13.36
CA TYR B 336 17.54 -45.03 13.43
C TYR B 336 19.04 -45.22 13.31
N ASN B 337 19.57 -46.20 14.05
CA ASN B 337 21.01 -46.47 14.01
C ASN B 337 21.47 -47.29 12.80
N PHE B 338 20.66 -47.34 11.73
CA PHE B 338 21.01 -48.09 10.54
C PHE B 338 20.38 -47.47 9.28
N THR B 339 20.77 -47.99 8.11
CA THR B 339 20.39 -47.44 6.79
C THR B 339 19.90 -48.55 5.86
N LEU B 340 18.69 -48.43 5.30
CA LEU B 340 18.16 -49.45 4.38
C LEU B 340 18.51 -49.25 2.89
N HIS B 341 19.78 -49.03 2.59
CA HIS B 341 20.28 -49.07 1.20
C HIS B 341 21.81 -49.10 1.15
#